data_4WZH
#
_entry.id   4WZH
#
_cell.length_a   61.160
_cell.length_b   105.690
_cell.length_c   106.240
_cell.angle_alpha   90.00
_cell.angle_beta   90.00
_cell.angle_gamma   90.00
#
_symmetry.space_group_name_H-M   'P 21 21 21'
#
loop_
_entity.id
_entity.type
_entity.pdbx_description
1 polymer 'Dihydroorotate dehydrogenase'
2 non-polymer 'FLAVIN MONONUCLEOTIDE'
3 non-polymer '4-(2-HYDROXYETHYL)-1-PIPERAZINE ETHANESULFONIC ACID'
4 non-polymer GLYCEROL
5 water water
#
_entity_poly.entity_id   1
_entity_poly.type   'polypeptide(L)'
_entity_poly.pdbx_seq_one_letter_code
;MGSSHHHHHHSSGLVPRGSHMASMTGGGQMGRGSMSLQVGILGNTFANPFMNAAGVMCSTEEELAAMTESTSGSLITKSC
TPALREGNPAPRYYTLPLGSINSMGLPNKGFDFYLAYSARHHDYSRKPLFISISGFSAEENAEMCKRLAPVAAEKGVILE
LNLSCPNVPGKPQVAYDFDAMRRYLAAISEAYPHPFGVKMPPYFDFAHFDAAAEILNQFPKVQFITCINSIGNGLVIDVE
TESVVIKPKQGFGGLGGRYVFPTALANVNAFYRRCPGKLIFGCGGVYTGEDAFLHVLAGASMVQVGTALHEEGAAIFERL
TAELLDVMAKKGYKALDEFRGKVKAMD
;
_entity_poly.pdbx_strand_id   A,B
#
loop_
_chem_comp.id
_chem_comp.type
_chem_comp.name
_chem_comp.formula
EPE non-polymer '4-(2-HYDROXYETHYL)-1-PIPERAZINE ETHANESULFONIC ACID' 'C8 H18 N2 O4 S'
FMN non-polymer 'FLAVIN MONONUCLEOTIDE' 'C17 H21 N4 O9 P'
GOL non-polymer GLYCEROL 'C3 H8 O3'
#
# COMPACT_ATOMS: atom_id res chain seq x y z
N MET A 35 19.06 -7.99 -30.58
CA MET A 35 18.20 -7.80 -29.40
C MET A 35 17.78 -9.11 -28.74
N SER A 36 17.93 -9.18 -27.42
CA SER A 36 17.54 -10.37 -26.69
C SER A 36 16.87 -10.04 -25.37
N LEU A 37 15.85 -10.83 -25.03
CA LEU A 37 15.18 -10.71 -23.73
C LEU A 37 15.73 -11.76 -22.78
N GLN A 38 16.78 -12.46 -23.19
CA GLN A 38 17.35 -13.53 -22.37
C GLN A 38 17.86 -13.02 -21.03
N VAL A 39 17.74 -13.87 -20.02
CA VAL A 39 18.24 -13.60 -18.68
C VAL A 39 19.06 -14.81 -18.21
N GLY A 40 20.34 -14.59 -17.94
CA GLY A 40 21.22 -15.67 -17.55
C GLY A 40 21.51 -15.65 -16.05
N ILE A 41 20.69 -16.35 -15.29
CA ILE A 41 20.82 -16.34 -13.85
C ILE A 41 20.58 -17.73 -13.28
N LEU A 42 21.09 -17.96 -12.08
CA LEU A 42 20.88 -19.22 -11.35
C LEU A 42 21.34 -20.43 -12.17
N GLY A 43 22.30 -20.20 -13.08
CA GLY A 43 22.90 -21.26 -13.85
C GLY A 43 21.99 -21.71 -14.97
N ASN A 44 21.00 -20.88 -15.29
CA ASN A 44 20.00 -21.16 -16.30
C ASN A 44 19.93 -20.06 -17.34
N THR A 45 19.57 -20.42 -18.57
CA THR A 45 19.22 -19.41 -19.55
C THR A 45 17.70 -19.31 -19.67
N PHE A 46 17.16 -18.20 -19.19
CA PHE A 46 15.73 -17.93 -19.35
C PHE A 46 15.51 -17.17 -20.66
N ALA A 47 14.59 -17.69 -21.47
CA ALA A 47 14.29 -17.13 -22.79
C ALA A 47 13.85 -15.68 -22.73
N ASN A 48 13.18 -15.32 -21.62
CA ASN A 48 12.78 -13.95 -21.38
C ASN A 48 12.52 -13.78 -19.87
N PRO A 49 12.38 -12.53 -19.41
CA PRO A 49 12.25 -12.34 -17.95
C PRO A 49 10.89 -12.74 -17.36
N PHE A 50 9.93 -13.13 -18.19
CA PHE A 50 8.54 -13.26 -17.72
C PHE A 50 8.15 -14.62 -17.18
N MET A 51 7.36 -14.58 -16.10
CA MET A 51 6.76 -15.78 -15.52
C MET A 51 5.44 -15.41 -14.84
N ASN A 52 4.67 -16.42 -14.43
CA ASN A 52 3.49 -16.16 -13.62
C ASN A 52 3.89 -15.83 -12.20
N ALA A 53 3.00 -15.13 -11.49
CA ALA A 53 3.17 -14.90 -10.06
C ALA A 53 2.68 -16.15 -9.34
N ALA A 54 3.30 -16.48 -8.20
CA ALA A 54 2.88 -17.68 -7.48
C ALA A 54 1.41 -17.54 -7.15
N GLY A 55 0.67 -18.62 -7.27
CA GLY A 55 -0.76 -18.61 -7.01
C GLY A 55 -1.68 -18.31 -8.18
N VAL A 56 -1.12 -17.82 -9.29
CA VAL A 56 -1.93 -17.53 -10.47
C VAL A 56 -1.64 -18.50 -11.61
N MET A 57 -2.67 -19.23 -12.01
CA MET A 57 -2.65 -20.20 -13.09
C MET A 57 -1.56 -21.25 -12.88
N CYS A 58 -1.56 -21.86 -11.70
CA CYS A 58 -0.49 -22.78 -11.37
C CYS A 58 -0.86 -23.76 -10.27
N SER A 59 -2.15 -24.05 -10.14
CA SER A 59 -2.60 -24.92 -9.07
C SER A 59 -2.87 -26.33 -9.59
N THR A 60 -3.55 -26.43 -10.72
CA THR A 60 -3.88 -27.72 -11.32
C THR A 60 -2.79 -28.23 -12.26
N GLU A 61 -2.92 -29.48 -12.68
CA GLU A 61 -1.97 -30.05 -13.65
C GLU A 61 -2.12 -29.39 -15.02
N GLU A 62 -3.36 -29.05 -15.38
CA GLU A 62 -3.63 -28.42 -16.66
C GLU A 62 -3.08 -26.99 -16.72
N GLU A 63 -3.09 -26.30 -15.58
CA GLU A 63 -2.59 -24.93 -15.50
C GLU A 63 -1.07 -24.86 -15.67
N LEU A 64 -0.36 -25.81 -15.07
CA LEU A 64 1.08 -25.86 -15.19
C LEU A 64 1.50 -26.18 -16.63
N ALA A 65 0.70 -27.01 -17.29
CA ALA A 65 1.00 -27.37 -18.67
C ALA A 65 0.76 -26.16 -19.57
N ALA A 66 -0.29 -25.41 -19.28
CA ALA A 66 -0.60 -24.21 -20.07
C ALA A 66 0.50 -23.18 -19.91
N MET A 67 1.07 -23.09 -18.72
CA MET A 67 2.17 -22.14 -18.50
C MET A 67 3.43 -22.65 -19.21
N THR A 68 3.65 -23.96 -19.19
CA THR A 68 4.80 -24.54 -19.88
C THR A 68 4.68 -24.35 -21.39
N GLU A 69 3.47 -24.52 -21.91
CA GLU A 69 3.21 -24.37 -23.34
C GLU A 69 3.36 -22.92 -23.79
N SER A 70 3.13 -21.99 -22.88
CA SER A 70 3.15 -20.56 -23.20
C SER A 70 4.56 -20.04 -23.48
N THR A 71 4.65 -18.77 -23.86
CA THR A 71 5.94 -18.18 -24.23
C THR A 71 6.67 -17.60 -23.03
N SER A 72 6.14 -17.80 -21.82
CA SER A 72 6.81 -17.29 -20.62
C SER A 72 8.22 -17.84 -20.44
N GLY A 73 9.12 -17.03 -19.90
CA GLY A 73 10.49 -17.48 -19.67
C GLY A 73 10.58 -18.54 -18.59
N SER A 74 9.58 -18.56 -17.72
CA SER A 74 9.55 -19.55 -16.65
C SER A 74 8.15 -19.65 -16.03
N LEU A 75 8.04 -20.43 -14.97
CA LEU A 75 6.77 -20.56 -14.27
C LEU A 75 6.96 -21.04 -12.84
N ILE A 76 6.04 -20.67 -11.96
CA ILE A 76 6.13 -21.06 -10.57
C ILE A 76 4.84 -21.75 -10.14
N THR A 77 4.97 -22.75 -9.25
CA THR A 77 3.79 -23.45 -8.74
C THR A 77 3.06 -22.63 -7.70
N LYS A 78 1.82 -23.04 -7.39
CA LYS A 78 1.04 -22.43 -6.32
C LYS A 78 1.65 -22.76 -4.95
N SER A 79 1.73 -21.75 -4.08
CA SER A 79 2.30 -21.93 -2.74
C SER A 79 1.65 -23.11 -2.05
N CYS A 80 2.44 -24.14 -1.75
CA CYS A 80 1.86 -25.34 -1.19
C CYS A 80 2.17 -25.50 0.28
N THR A 81 1.31 -26.29 0.93
CA THR A 81 1.40 -26.64 2.33
C THR A 81 1.68 -28.14 2.40
N PRO A 82 2.16 -28.64 3.55
CA PRO A 82 2.49 -30.07 3.67
C PRO A 82 1.37 -31.00 3.19
N ALA A 83 0.14 -30.61 3.47
CA ALA A 83 -1.02 -31.40 3.05
C ALA A 83 -1.94 -30.56 2.17
N LEU A 84 -2.92 -31.23 1.58
CA LEU A 84 -3.89 -30.58 0.70
C LEU A 84 -4.76 -29.59 1.49
N ARG A 85 -5.03 -28.42 0.90
CA ARG A 85 -5.90 -27.42 1.51
C ARG A 85 -6.99 -27.03 0.53
N GLU A 86 -8.23 -26.95 1.02
CA GLU A 86 -9.36 -26.60 0.16
C GLU A 86 -9.32 -25.12 -0.18
N GLY A 87 -8.94 -24.32 0.82
CA GLY A 87 -8.88 -22.87 0.66
C GLY A 87 -10.03 -22.18 1.38
N ASN A 88 -9.95 -20.86 1.47
CA ASN A 88 -11.01 -20.06 2.09
C ASN A 88 -12.34 -20.21 1.33
N PRO A 89 -13.46 -19.83 1.98
CA PRO A 89 -14.77 -19.81 1.33
C PRO A 89 -14.91 -18.78 0.19
N ALA A 90 -15.55 -19.19 -0.90
CA ALA A 90 -15.81 -18.34 -2.05
C ALA A 90 -16.95 -17.34 -1.76
N PRO A 91 -16.97 -16.20 -2.48
CA PRO A 91 -15.95 -15.72 -3.41
C PRO A 91 -14.70 -15.24 -2.68
N ARG A 92 -13.56 -15.57 -3.26
CA ARG A 92 -12.27 -15.37 -2.59
C ARG A 92 -11.30 -14.61 -3.52
N TYR A 93 -11.77 -14.33 -4.73
CA TYR A 93 -11.10 -13.44 -5.67
C TYR A 93 -12.14 -12.50 -6.28
N TYR A 94 -11.76 -11.26 -6.51
CA TYR A 94 -12.66 -10.28 -7.12
C TYR A 94 -11.91 -9.35 -8.06
N THR A 95 -12.39 -9.25 -9.30
CA THR A 95 -11.75 -8.41 -10.31
C THR A 95 -12.18 -6.96 -10.19
N LEU A 96 -11.20 -6.08 -10.02
CA LEU A 96 -11.45 -4.64 -9.89
C LEU A 96 -11.00 -3.95 -11.17
N PRO A 97 -11.53 -2.76 -11.46
CA PRO A 97 -11.09 -2.03 -12.64
C PRO A 97 -9.61 -1.67 -12.58
N LEU A 98 -9.10 -1.50 -11.36
CA LEU A 98 -7.71 -1.14 -11.14
C LEU A 98 -6.87 -2.29 -10.60
N GLY A 99 -7.39 -3.50 -10.67
CA GLY A 99 -6.64 -4.64 -10.17
C GLY A 99 -7.49 -5.74 -9.59
N SER A 100 -7.08 -6.24 -8.43
CA SER A 100 -7.74 -7.39 -7.83
C SER A 100 -7.64 -7.31 -6.30
N ILE A 101 -8.50 -8.09 -5.65
CA ILE A 101 -8.45 -8.25 -4.21
C ILE A 101 -8.76 -9.72 -3.98
N ASN A 102 -8.03 -10.35 -3.08
CA ASN A 102 -8.26 -11.78 -2.86
C ASN A 102 -7.95 -12.23 -1.45
N SER A 103 -8.64 -13.28 -1.03
CA SER A 103 -8.32 -14.00 0.19
C SER A 103 -8.47 -15.48 -0.07
N MET A 104 -7.50 -16.04 -0.81
CA MET A 104 -7.58 -17.41 -1.29
C MET A 104 -7.40 -18.42 -0.15
N GLY A 105 -6.48 -18.13 0.77
CA GLY A 105 -6.20 -18.99 1.90
C GLY A 105 -5.38 -20.22 1.56
N LEU A 106 -4.42 -20.05 0.65
CA LEU A 106 -3.55 -21.14 0.16
C LEU A 106 -4.26 -22.45 -0.26
N PRO A 107 -5.17 -22.36 -1.24
CA PRO A 107 -5.72 -23.57 -1.85
C PRO A 107 -4.63 -24.26 -2.67
N ASN A 108 -4.36 -25.53 -2.38
CA ASN A 108 -3.37 -26.26 -3.15
C ASN A 108 -3.55 -27.75 -2.99
N LYS A 109 -3.06 -28.50 -3.97
CA LYS A 109 -3.24 -29.95 -4.01
C LYS A 109 -2.31 -30.67 -3.04
N GLY A 110 -1.51 -29.90 -2.29
CA GLY A 110 -0.57 -30.47 -1.33
C GLY A 110 0.85 -30.51 -1.85
N PHE A 111 1.82 -30.40 -0.93
CA PHE A 111 3.23 -30.36 -1.30
C PHE A 111 3.63 -31.59 -2.10
N ASP A 112 3.09 -32.75 -1.72
CA ASP A 112 3.38 -34.00 -2.40
C ASP A 112 3.17 -33.89 -3.91
N PHE A 113 2.07 -33.26 -4.29
CA PHE A 113 1.70 -33.06 -5.69
C PHE A 113 2.71 -32.23 -6.47
N TYR A 114 3.09 -31.07 -5.93
CA TYR A 114 4.00 -30.18 -6.66
C TYR A 114 5.43 -30.74 -6.67
N LEU A 115 5.81 -31.45 -5.62
CA LEU A 115 7.09 -32.16 -5.62
C LEU A 115 7.11 -33.17 -6.76
N ALA A 116 6.03 -33.91 -6.93
CA ALA A 116 5.98 -34.96 -7.95
C ALA A 116 5.95 -34.34 -9.35
N TYR A 117 5.23 -33.23 -9.50
CA TYR A 117 5.26 -32.49 -10.75
C TYR A 117 6.70 -32.10 -11.07
N SER A 118 7.41 -31.62 -10.05
CA SER A 118 8.81 -31.26 -10.19
C SER A 118 9.69 -32.49 -10.48
N ALA A 119 9.35 -33.61 -9.86
CA ALA A 119 10.15 -34.82 -9.94
C ALA A 119 10.11 -35.46 -11.32
N ARG A 120 8.91 -35.61 -11.89
CA ARG A 120 8.78 -36.41 -13.10
C ARG A 120 7.60 -36.05 -14.01
N HIS A 121 7.20 -34.79 -14.03
CA HIS A 121 6.10 -34.36 -14.90
C HIS A 121 6.42 -33.10 -15.68
N HIS A 122 7.38 -32.31 -15.20
CA HIS A 122 7.70 -31.05 -15.87
C HIS A 122 8.79 -31.18 -16.91
N ASP A 123 8.55 -30.59 -18.08
CA ASP A 123 9.56 -30.55 -19.14
C ASP A 123 10.55 -29.41 -18.95
N TYR A 124 11.71 -29.73 -18.41
CA TYR A 124 12.78 -28.77 -18.17
C TYR A 124 13.43 -28.32 -19.47
N SER A 125 13.16 -29.06 -20.54
CA SER A 125 13.60 -28.69 -21.87
C SER A 125 12.91 -27.41 -22.35
N ARG A 126 11.70 -27.15 -21.89
CA ARG A 126 10.96 -25.94 -22.27
C ARG A 126 11.41 -24.71 -21.49
N LYS A 127 11.45 -24.82 -20.17
CA LYS A 127 11.82 -23.71 -19.32
C LYS A 127 12.15 -24.20 -17.90
N PRO A 128 12.95 -23.41 -17.16
CA PRO A 128 13.22 -23.72 -15.75
C PRO A 128 11.96 -23.56 -14.90
N LEU A 129 11.90 -24.27 -13.77
CA LEU A 129 10.71 -24.32 -12.95
C LEU A 129 10.97 -23.89 -11.52
N PHE A 130 10.09 -23.05 -10.98
CA PHE A 130 10.13 -22.64 -9.57
C PHE A 130 9.01 -23.30 -8.77
N ILE A 131 9.33 -23.75 -7.56
CA ILE A 131 8.30 -24.26 -6.67
C ILE A 131 8.14 -23.34 -5.46
N SER A 132 6.90 -22.92 -5.20
CA SER A 132 6.61 -22.08 -4.06
C SER A 132 6.11 -22.92 -2.91
N ILE A 133 6.78 -22.83 -1.77
CA ILE A 133 6.31 -23.52 -0.57
C ILE A 133 5.96 -22.47 0.48
N SER A 134 4.98 -22.81 1.33
CA SER A 134 4.48 -21.89 2.32
C SER A 134 3.89 -22.61 3.54
N GLY A 135 4.71 -23.39 4.24
CA GLY A 135 4.28 -24.09 5.45
C GLY A 135 3.97 -23.13 6.58
N PHE A 136 3.21 -23.59 7.56
CA PHE A 136 2.69 -22.72 8.62
C PHE A 136 3.66 -22.58 9.78
N SER A 137 4.86 -23.10 9.62
CA SER A 137 5.89 -23.01 10.64
C SER A 137 7.28 -23.19 10.04
N ALA A 138 8.29 -22.81 10.80
CA ALA A 138 9.67 -23.04 10.41
C ALA A 138 9.93 -24.52 10.17
N GLU A 139 9.34 -25.37 11.01
CA GLU A 139 9.58 -26.82 10.93
C GLU A 139 8.91 -27.48 9.72
N GLU A 140 7.68 -27.09 9.43
CA GLU A 140 6.95 -27.60 8.26
C GLU A 140 7.71 -27.33 6.96
N ASN A 141 8.16 -26.09 6.81
CA ASN A 141 8.99 -25.69 5.68
C ASN A 141 10.26 -26.54 5.57
N ALA A 142 10.96 -26.64 6.70
CA ALA A 142 12.23 -27.35 6.76
C ALA A 142 12.07 -28.80 6.31
N GLU A 143 10.94 -29.41 6.68
CA GLU A 143 10.65 -30.78 6.27
C GLU A 143 10.42 -30.88 4.77
N MET A 144 9.71 -29.92 4.20
CA MET A 144 9.46 -29.92 2.77
C MET A 144 10.78 -29.77 2.01
N CYS A 145 11.60 -28.81 2.43
CA CYS A 145 12.92 -28.60 1.83
C CYS A 145 13.83 -29.81 1.86
N LYS A 146 13.78 -30.57 2.96
CA LYS A 146 14.58 -31.79 3.05
C LYS A 146 14.15 -32.77 1.96
N ARG A 147 12.84 -32.84 1.70
CA ARG A 147 12.32 -33.68 0.64
C ARG A 147 12.53 -33.08 -0.75
N LEU A 148 12.46 -31.75 -0.84
CA LEU A 148 12.68 -31.09 -2.13
C LEU A 148 14.13 -31.24 -2.63
N ALA A 149 15.08 -31.20 -1.70
CA ALA A 149 16.51 -31.15 -2.02
C ALA A 149 17.01 -32.17 -3.07
N PRO A 150 16.65 -33.47 -2.93
CA PRO A 150 17.10 -34.42 -3.95
C PRO A 150 16.54 -34.12 -5.34
N VAL A 151 15.27 -33.74 -5.39
CA VAL A 151 14.61 -33.35 -6.63
C VAL A 151 15.26 -32.11 -7.23
N ALA A 152 15.51 -31.09 -6.42
CA ALA A 152 16.14 -29.88 -6.92
C ALA A 152 17.55 -30.20 -7.42
N ALA A 153 18.26 -31.07 -6.71
CA ALA A 153 19.65 -31.40 -7.05
C ALA A 153 19.74 -32.14 -8.37
N GLU A 154 18.71 -32.91 -8.69
CA GLU A 154 18.69 -33.70 -9.91
C GLU A 154 17.99 -32.97 -11.06
N LYS A 155 16.79 -32.47 -10.80
CA LYS A 155 15.95 -31.87 -11.85
C LYS A 155 16.21 -30.38 -12.04
N GLY A 156 16.67 -29.71 -11.00
CA GLY A 156 17.03 -28.31 -11.13
C GLY A 156 15.89 -27.36 -10.79
N VAL A 157 14.80 -27.90 -10.24
CA VAL A 157 13.69 -27.07 -9.81
C VAL A 157 14.18 -26.10 -8.72
N ILE A 158 13.66 -24.88 -8.72
CA ILE A 158 14.16 -23.85 -7.82
C ILE A 158 13.15 -23.42 -6.76
N LEU A 159 13.62 -23.28 -5.52
CA LEU A 159 12.75 -22.95 -4.40
C LEU A 159 12.52 -21.43 -4.23
N GLU A 160 11.25 -21.03 -4.11
CA GLU A 160 10.90 -19.68 -3.65
C GLU A 160 10.10 -19.84 -2.37
N LEU A 161 10.67 -19.37 -1.26
CA LEU A 161 10.03 -19.48 0.05
C LEU A 161 9.13 -18.28 0.24
N ASN A 162 7.84 -18.53 0.44
CA ASN A 162 6.89 -17.45 0.64
C ASN A 162 6.86 -17.04 2.10
N LEU A 163 7.40 -15.86 2.40
CA LEU A 163 7.36 -15.34 3.76
C LEU A 163 6.22 -14.36 3.98
N SER A 164 5.16 -14.48 3.20
CA SER A 164 4.04 -13.53 3.26
C SER A 164 2.68 -14.21 3.05
N GLN A 173 2.47 -11.70 9.56
CA GLN A 173 3.21 -12.57 8.65
C GLN A 173 4.71 -12.50 8.91
N VAL A 174 5.41 -13.56 8.52
CA VAL A 174 6.77 -13.80 9.00
C VAL A 174 7.75 -12.68 8.71
N ALA A 175 7.69 -12.11 7.50
CA ALA A 175 8.65 -11.11 7.10
C ALA A 175 8.36 -9.75 7.73
N TYR A 176 7.26 -9.66 8.48
CA TYR A 176 6.97 -8.43 9.20
C TYR A 176 7.49 -8.51 10.64
N ASP A 177 8.09 -9.64 11.00
CA ASP A 177 8.71 -9.82 12.30
C ASP A 177 10.16 -10.29 12.12
N PHE A 178 11.10 -9.36 12.22
CA PHE A 178 12.46 -9.58 11.73
C PHE A 178 13.23 -10.64 12.50
N ASP A 179 12.71 -11.07 13.64
CA ASP A 179 13.37 -12.14 14.38
C ASP A 179 12.77 -13.48 14.00
N ALA A 180 11.47 -13.48 13.71
CA ALA A 180 10.84 -14.64 13.10
C ALA A 180 11.49 -14.94 11.75
N MET A 181 11.75 -13.87 11.00
CA MET A 181 12.32 -14.00 9.67
C MET A 181 13.70 -14.65 9.70
N ARG A 182 14.59 -14.11 10.53
CA ARG A 182 15.93 -14.69 10.68
C ARG A 182 15.83 -16.16 11.08
N ARG A 183 14.83 -16.49 11.89
CA ARG A 183 14.69 -17.84 12.42
C ARG A 183 14.24 -18.81 11.34
N TYR A 184 13.33 -18.34 10.49
CA TYR A 184 12.91 -19.13 9.33
C TYR A 184 14.10 -19.39 8.43
N LEU A 185 14.82 -18.33 8.09
CA LEU A 185 15.91 -18.41 7.13
C LEU A 185 17.04 -19.31 7.63
N ALA A 186 17.34 -19.24 8.92
CA ALA A 186 18.37 -20.09 9.50
C ALA A 186 17.95 -21.55 9.44
N ALA A 187 16.68 -21.83 9.72
CA ALA A 187 16.17 -23.19 9.74
C ALA A 187 16.24 -23.79 8.34
N ILE A 188 15.81 -23.01 7.37
CA ILE A 188 15.83 -23.46 5.98
C ILE A 188 17.27 -23.67 5.49
N SER A 189 18.14 -22.69 5.72
CA SER A 189 19.56 -22.83 5.33
C SER A 189 20.24 -24.03 5.99
N GLU A 190 19.74 -24.44 7.14
CA GLU A 190 20.27 -25.64 7.81
C GLU A 190 19.68 -26.91 7.20
N ALA A 191 18.46 -26.81 6.68
CA ALA A 191 17.78 -27.98 6.14
C ALA A 191 18.05 -28.16 4.66
N TYR A 192 18.28 -27.05 3.98
CA TYR A 192 18.33 -27.04 2.52
C TYR A 192 19.72 -26.69 2.00
N PRO A 193 20.37 -27.62 1.29
CA PRO A 193 21.75 -27.40 0.86
C PRO A 193 21.87 -26.46 -0.34
N HIS A 194 20.78 -26.30 -1.09
CA HIS A 194 20.80 -25.51 -2.32
C HIS A 194 20.41 -24.05 -2.07
N PRO A 195 20.75 -23.17 -3.02
CA PRO A 195 20.25 -21.80 -2.91
C PRO A 195 18.73 -21.78 -3.09
N PHE A 196 18.10 -20.68 -2.72
CA PHE A 196 16.67 -20.51 -2.90
C PHE A 196 16.35 -19.02 -2.88
N GLY A 197 15.07 -18.70 -3.00
CA GLY A 197 14.64 -17.32 -3.00
C GLY A 197 13.61 -17.11 -1.92
N VAL A 198 13.27 -15.84 -1.66
CA VAL A 198 12.20 -15.54 -0.73
C VAL A 198 11.23 -14.56 -1.37
N LYS A 199 9.95 -14.83 -1.17
CA LYS A 199 8.86 -13.94 -1.58
C LYS A 199 8.48 -13.01 -0.41
N MET A 200 8.67 -11.71 -0.61
CA MET A 200 8.49 -10.69 0.42
C MET A 200 7.18 -9.91 0.28
N PRO A 201 6.62 -9.47 1.42
CA PRO A 201 5.54 -8.48 1.47
C PRO A 201 6.12 -7.10 1.31
N PRO A 202 5.32 -6.13 0.85
CA PRO A 202 5.88 -4.80 0.63
C PRO A 202 6.28 -4.15 1.96
N TYR A 203 7.35 -3.37 1.94
CA TYR A 203 7.70 -2.58 3.11
C TYR A 203 7.45 -1.15 2.71
N PHE A 204 7.26 -0.28 3.69
CA PHE A 204 6.81 1.07 3.39
C PHE A 204 7.70 2.15 4.03
N ASP A 205 8.89 1.76 4.49
CA ASP A 205 9.87 2.78 4.92
C ASP A 205 11.30 2.24 4.97
N PHE A 206 12.25 3.17 4.88
CA PHE A 206 13.65 2.81 4.70
C PHE A 206 14.20 2.04 5.90
N ALA A 207 13.62 2.25 7.08
CA ALA A 207 14.11 1.53 8.25
C ALA A 207 13.76 0.06 8.12
N HIS A 208 12.60 -0.23 7.54
CA HIS A 208 12.23 -1.61 7.31
C HIS A 208 13.07 -2.21 6.20
N PHE A 209 13.25 -1.47 5.12
CA PHE A 209 14.14 -1.91 4.05
C PHE A 209 15.51 -2.32 4.59
N ASP A 210 16.09 -1.47 5.43
CA ASP A 210 17.43 -1.74 5.99
C ASP A 210 17.43 -2.94 6.90
N ALA A 211 16.38 -3.04 7.71
CA ALA A 211 16.28 -4.09 8.70
C ALA A 211 16.13 -5.44 7.98
N ALA A 212 15.26 -5.49 6.97
CA ALA A 212 15.07 -6.72 6.21
C ALA A 212 16.31 -7.08 5.39
N ALA A 213 16.90 -6.10 4.71
CA ALA A 213 18.06 -6.38 3.86
C ALA A 213 19.21 -6.93 4.68
N GLU A 214 19.32 -6.46 5.92
CA GLU A 214 20.41 -6.83 6.79
C GLU A 214 20.31 -8.29 7.21
N ILE A 215 19.09 -8.75 7.43
CA ILE A 215 18.88 -10.15 7.76
C ILE A 215 19.11 -11.01 6.50
N LEU A 216 18.55 -10.58 5.36
CA LEU A 216 18.73 -11.34 4.13
C LEU A 216 20.20 -11.48 3.73
N ASN A 217 20.98 -10.42 3.89
CA ASN A 217 22.39 -10.48 3.51
C ASN A 217 23.26 -11.36 4.39
N GLN A 218 22.72 -11.83 5.52
CA GLN A 218 23.49 -12.75 6.36
C GLN A 218 23.31 -14.19 5.88
N PHE A 219 22.44 -14.39 4.89
CA PHE A 219 22.16 -15.75 4.41
C PHE A 219 22.53 -15.92 2.93
N PRO A 220 23.74 -16.45 2.66
CA PRO A 220 24.28 -16.62 1.31
C PRO A 220 23.39 -17.46 0.39
N LYS A 221 22.67 -18.42 0.96
CA LYS A 221 21.82 -19.33 0.16
C LYS A 221 20.60 -18.64 -0.43
N VAL A 222 20.15 -17.55 0.19
CA VAL A 222 19.06 -16.79 -0.38
C VAL A 222 19.59 -16.04 -1.60
N GLN A 223 19.31 -16.58 -2.78
CA GLN A 223 19.91 -16.09 -4.02
C GLN A 223 19.00 -15.09 -4.74
N PHE A 224 17.71 -15.12 -4.45
CA PHE A 224 16.84 -14.08 -4.99
C PHE A 224 15.76 -13.67 -4.00
N ILE A 225 15.31 -12.44 -4.17
CA ILE A 225 14.28 -11.85 -3.36
C ILE A 225 13.16 -11.41 -4.28
N THR A 226 11.95 -11.94 -4.08
CA THR A 226 10.84 -11.49 -4.93
C THR A 226 10.00 -10.42 -4.26
N CYS A 227 9.89 -9.27 -4.93
CA CYS A 227 9.11 -8.15 -4.44
C CYS A 227 8.06 -7.83 -5.51
N ILE A 228 6.77 -7.93 -5.22
CA ILE A 228 6.23 -8.07 -3.87
C ILE A 228 5.07 -9.04 -3.87
N ASN A 229 4.73 -9.58 -2.71
CA ASN A 229 3.41 -10.18 -2.53
C ASN A 229 2.35 -9.06 -2.52
N SER A 230 1.08 -9.41 -2.41
CA SER A 230 0.00 -8.42 -2.36
C SER A 230 0.20 -7.35 -1.29
N ILE A 231 -0.26 -6.13 -1.58
CA ILE A 231 -0.46 -5.15 -0.52
C ILE A 231 -1.58 -5.68 0.38
N GLY A 232 -1.25 -5.96 1.63
CA GLY A 232 -2.12 -6.76 2.47
C GLY A 232 -3.34 -6.07 3.04
N ASN A 233 -4.42 -6.83 3.21
CA ASN A 233 -5.62 -6.40 3.93
C ASN A 233 -6.17 -5.04 3.50
N GLY A 234 -6.36 -4.89 2.19
CA GLY A 234 -7.20 -3.83 1.66
C GLY A 234 -8.65 -4.22 1.85
N LEU A 235 -9.56 -3.26 1.67
CA LEU A 235 -10.98 -3.55 1.80
C LEU A 235 -11.74 -2.94 0.65
N VAL A 236 -12.45 -3.76 -0.12
CA VAL A 236 -13.27 -3.31 -1.24
C VAL A 236 -14.75 -3.50 -0.91
N ILE A 237 -15.56 -2.51 -1.28
CA ILE A 237 -16.99 -2.50 -1.00
C ILE A 237 -17.74 -2.17 -2.28
N ASP A 238 -18.86 -2.86 -2.53
CA ASP A 238 -19.65 -2.56 -3.72
C ASP A 238 -20.68 -1.50 -3.39
N VAL A 239 -20.81 -0.51 -4.25
CA VAL A 239 -21.74 0.58 -4.02
C VAL A 239 -23.19 0.08 -4.03
N GLU A 240 -23.54 -0.70 -5.04
CA GLU A 240 -24.92 -1.19 -5.17
C GLU A 240 -25.34 -2.03 -3.96
N THR A 241 -24.56 -3.06 -3.64
CA THR A 241 -24.94 -4.00 -2.58
C THR A 241 -24.54 -3.51 -1.20
N GLU A 242 -23.67 -2.50 -1.16
CA GLU A 242 -23.15 -1.94 0.08
C GLU A 242 -22.44 -3.03 0.91
N SER A 243 -21.88 -4.00 0.21
CA SER A 243 -21.21 -5.11 0.88
C SER A 243 -19.79 -5.28 0.41
N VAL A 244 -18.98 -5.93 1.24
CA VAL A 244 -17.64 -6.35 0.86
C VAL A 244 -17.75 -7.35 -0.30
N VAL A 245 -16.72 -7.44 -1.14
CA VAL A 245 -16.87 -8.25 -2.34
C VAL A 245 -16.27 -9.65 -2.23
N ILE A 246 -15.59 -9.93 -1.11
CA ILE A 246 -15.14 -11.30 -0.84
C ILE A 246 -15.62 -11.73 0.55
N LYS A 247 -15.87 -13.03 0.71
CA LYS A 247 -16.45 -13.58 1.94
C LYS A 247 -15.49 -13.72 3.14
N PRO A 248 -14.26 -14.20 2.93
CA PRO A 248 -13.37 -14.39 4.11
C PRO A 248 -12.92 -13.10 4.78
N LYS A 249 -12.56 -13.22 6.06
CA LYS A 249 -11.87 -12.16 6.80
C LYS A 249 -12.65 -10.84 6.81
N GLN A 250 -13.99 -10.95 6.82
CA GLN A 250 -14.88 -9.78 6.76
C GLN A 250 -14.58 -8.92 5.53
N GLY A 251 -14.23 -9.56 4.42
CA GLY A 251 -13.92 -8.85 3.18
C GLY A 251 -12.52 -8.27 3.00
N PHE A 252 -11.69 -8.28 4.04
CA PHE A 252 -10.31 -7.79 3.93
C PHE A 252 -9.48 -8.76 3.10
N GLY A 253 -8.72 -8.24 2.13
CA GLY A 253 -7.93 -9.10 1.26
C GLY A 253 -6.69 -8.47 0.64
N GLY A 254 -5.84 -9.32 0.08
CA GLY A 254 -4.64 -8.87 -0.62
C GLY A 254 -4.93 -8.14 -1.91
N LEU A 255 -4.27 -7.01 -2.10
CA LEU A 255 -4.44 -6.18 -3.30
C LEU A 255 -3.37 -6.48 -4.35
N GLY A 256 -3.78 -6.57 -5.61
CA GLY A 256 -2.85 -6.73 -6.73
C GLY A 256 -3.26 -5.83 -7.89
N GLY A 257 -2.43 -5.75 -8.92
CA GLY A 257 -2.79 -4.98 -10.09
C GLY A 257 -2.26 -3.56 -10.07
N ARG A 258 -3.03 -2.61 -10.62
CA ARG A 258 -2.54 -1.25 -10.80
CA ARG A 258 -2.56 -1.24 -10.80
C ARG A 258 -2.33 -0.54 -9.46
N TYR A 259 -3.08 -0.95 -8.44
CA TYR A 259 -2.94 -0.33 -7.11
C TYR A 259 -1.52 -0.46 -6.57
N VAL A 260 -0.83 -1.54 -6.90
CA VAL A 260 0.42 -1.86 -6.19
C VAL A 260 1.70 -1.54 -6.97
N PHE A 261 1.57 -1.02 -8.19
CA PHE A 261 2.72 -0.83 -9.06
C PHE A 261 3.81 0.12 -8.47
N PRO A 262 3.44 1.32 -7.98
CA PRO A 262 4.55 2.13 -7.40
C PRO A 262 5.17 1.50 -6.15
N THR A 263 4.38 0.76 -5.38
CA THR A 263 4.90 0.09 -4.18
C THR A 263 5.86 -1.06 -4.55
N ALA A 264 5.50 -1.82 -5.58
CA ALA A 264 6.34 -2.88 -6.10
C ALA A 264 7.66 -2.32 -6.61
N LEU A 265 7.59 -1.25 -7.41
CA LEU A 265 8.80 -0.66 -7.96
C LEU A 265 9.71 -0.28 -6.79
N ALA A 266 9.13 0.36 -5.78
CA ALA A 266 9.91 0.86 -4.65
C ALA A 266 10.64 -0.27 -3.95
N ASN A 267 9.95 -1.37 -3.73
CA ASN A 267 10.53 -2.50 -3.04
C ASN A 267 11.63 -3.19 -3.87
N VAL A 268 11.37 -3.38 -5.15
CA VAL A 268 12.38 -3.89 -6.09
C VAL A 268 13.64 -3.03 -6.02
N ASN A 269 13.51 -1.72 -6.22
CA ASN A 269 14.69 -0.85 -6.19
C ASN A 269 15.33 -0.76 -4.80
N ALA A 270 14.53 -0.77 -3.74
CA ALA A 270 15.10 -0.66 -2.40
C ALA A 270 15.97 -1.87 -2.09
N PHE A 271 15.53 -3.05 -2.52
CA PHE A 271 16.29 -4.25 -2.24
C PHE A 271 17.43 -4.47 -3.24
N TYR A 272 17.23 -4.01 -4.48
CA TYR A 272 18.30 -4.00 -5.46
C TYR A 272 19.50 -3.23 -4.92
N ARG A 273 19.23 -2.08 -4.31
CA ARG A 273 20.30 -1.25 -3.78
C ARG A 273 20.96 -1.92 -2.59
N ARG A 274 20.16 -2.45 -1.66
CA ARG A 274 20.66 -2.93 -0.38
C ARG A 274 21.21 -4.36 -0.44
N CYS A 275 20.87 -5.09 -1.50
CA CYS A 275 21.29 -6.49 -1.62
C CYS A 275 22.05 -6.75 -2.93
N PRO A 276 23.23 -6.11 -3.07
CA PRO A 276 23.98 -6.22 -4.33
C PRO A 276 24.39 -7.66 -4.65
N GLY A 277 24.47 -8.52 -3.64
CA GLY A 277 24.82 -9.91 -3.88
C GLY A 277 23.69 -10.85 -4.28
N LYS A 278 22.46 -10.33 -4.36
CA LYS A 278 21.31 -11.17 -4.68
C LYS A 278 20.62 -10.70 -5.96
N LEU A 279 19.84 -11.60 -6.56
CA LEU A 279 18.90 -11.26 -7.61
C LEU A 279 17.61 -10.70 -6.99
N ILE A 280 17.01 -9.72 -7.65
CA ILE A 280 15.67 -9.26 -7.29
C ILE A 280 14.68 -9.66 -8.38
N PHE A 281 13.59 -10.33 -8.02
CA PHE A 281 12.50 -10.60 -8.96
C PHE A 281 11.37 -9.59 -8.73
N GLY A 282 10.95 -8.91 -9.79
CA GLY A 282 9.84 -8.00 -9.70
C GLY A 282 8.47 -8.66 -9.84
N CYS A 283 7.54 -8.25 -8.98
CA CYS A 283 6.15 -8.71 -9.04
C CYS A 283 5.21 -7.61 -8.54
N GLY A 284 4.19 -7.30 -9.34
CA GLY A 284 3.23 -6.28 -8.98
C GLY A 284 2.95 -5.28 -10.09
N GLY A 285 1.71 -5.24 -10.55
CA GLY A 285 1.23 -4.16 -11.40
C GLY A 285 1.64 -4.23 -12.86
N VAL A 286 2.15 -5.38 -13.27
CA VAL A 286 2.61 -5.51 -14.65
C VAL A 286 1.45 -5.84 -15.59
N TYR A 287 1.27 -4.99 -16.59
CA TYR A 287 0.23 -5.21 -17.61
C TYR A 287 0.80 -5.09 -19.02
N THR A 288 1.81 -4.24 -19.16
CA THR A 288 2.43 -3.97 -20.45
C THR A 288 3.94 -4.19 -20.41
N GLY A 289 4.57 -4.23 -21.57
CA GLY A 289 6.02 -4.34 -21.66
C GLY A 289 6.70 -3.14 -21.02
N GLU A 290 6.02 -1.99 -21.04
CA GLU A 290 6.52 -0.78 -20.39
C GLU A 290 6.58 -0.95 -18.88
N ASP A 291 5.53 -1.53 -18.28
CA ASP A 291 5.58 -1.83 -16.83
C ASP A 291 6.77 -2.75 -16.54
N ALA A 292 6.97 -3.76 -17.40
CA ALA A 292 8.14 -4.64 -17.31
C ALA A 292 9.45 -3.85 -17.38
N PHE A 293 9.52 -2.93 -18.34
CA PHE A 293 10.71 -2.12 -18.53
C PHE A 293 11.06 -1.37 -17.26
N LEU A 294 10.03 -0.85 -16.59
CA LEU A 294 10.27 -0.06 -15.39
C LEU A 294 10.75 -0.97 -14.26
N HIS A 295 10.17 -2.15 -14.14
CA HIS A 295 10.60 -3.12 -13.16
C HIS A 295 12.07 -3.42 -13.33
N VAL A 296 12.47 -3.63 -14.58
CA VAL A 296 13.83 -4.00 -14.86
C VAL A 296 14.73 -2.81 -14.56
N LEU A 297 14.27 -1.63 -14.96
CA LEU A 297 14.96 -0.37 -14.66
C LEU A 297 15.22 -0.20 -13.17
N ALA A 298 14.31 -0.72 -12.35
CA ALA A 298 14.41 -0.59 -10.90
C ALA A 298 15.29 -1.68 -10.30
N GLY A 299 15.56 -2.72 -11.09
CA GLY A 299 16.50 -3.73 -10.66
C GLY A 299 16.09 -5.17 -10.87
N ALA A 300 14.87 -5.41 -11.38
CA ALA A 300 14.34 -6.77 -11.56
C ALA A 300 15.09 -7.64 -12.56
N SER A 301 15.41 -8.87 -12.16
CA SER A 301 15.97 -9.85 -13.09
C SER A 301 14.87 -10.62 -13.82
N MET A 302 13.93 -11.16 -13.04
CA MET A 302 12.72 -11.79 -13.56
C MET A 302 11.53 -10.91 -13.24
N VAL A 303 10.46 -11.02 -14.04
CA VAL A 303 9.25 -10.22 -13.84
C VAL A 303 8.02 -11.12 -13.79
N GLN A 304 7.38 -11.17 -12.62
CA GLN A 304 6.21 -12.01 -12.41
C GLN A 304 4.90 -11.26 -12.71
N VAL A 305 3.97 -11.96 -13.37
CA VAL A 305 2.71 -11.37 -13.78
C VAL A 305 1.58 -12.11 -13.08
N GLY A 306 0.72 -11.36 -12.39
CA GLY A 306 -0.34 -11.94 -11.60
C GLY A 306 -1.73 -11.60 -12.12
N THR A 307 -2.26 -10.48 -11.64
CA THR A 307 -3.62 -10.06 -11.96
C THR A 307 -3.85 -9.97 -13.47
N ALA A 308 -2.88 -9.43 -14.21
CA ALA A 308 -3.04 -9.31 -15.67
C ALA A 308 -3.16 -10.69 -16.34
N LEU A 309 -2.33 -11.62 -15.90
CA LEU A 309 -2.35 -13.00 -16.38
C LEU A 309 -3.67 -13.71 -16.04
N HIS A 310 -4.16 -13.47 -14.82
CA HIS A 310 -5.43 -14.01 -14.38
C HIS A 310 -6.56 -13.59 -15.33
N GLU A 311 -6.44 -12.38 -15.88
CA GLU A 311 -7.47 -11.81 -16.74
C GLU A 311 -7.27 -12.16 -18.22
N GLU A 312 -6.05 -12.02 -18.72
CA GLU A 312 -5.79 -12.13 -20.14
C GLU A 312 -5.38 -13.54 -20.54
N GLY A 313 -4.92 -14.34 -19.56
CA GLY A 313 -4.53 -15.71 -19.84
C GLY A 313 -3.12 -15.83 -20.41
N ALA A 314 -2.64 -17.07 -20.52
CA ALA A 314 -1.26 -17.38 -20.90
C ALA A 314 -0.79 -16.72 -22.20
N ALA A 315 -1.72 -16.21 -22.98
CA ALA A 315 -1.41 -15.51 -24.23
C ALA A 315 -0.75 -14.16 -23.97
N ILE A 316 -0.96 -13.62 -22.78
CA ILE A 316 -0.40 -12.33 -22.42
C ILE A 316 1.12 -12.28 -22.63
N PHE A 317 1.79 -13.41 -22.45
CA PHE A 317 3.26 -13.42 -22.42
C PHE A 317 3.83 -13.11 -23.80
N GLU A 318 3.10 -13.52 -24.84
CA GLU A 318 3.48 -13.20 -26.21
C GLU A 318 3.38 -11.70 -26.48
N ARG A 319 2.33 -11.07 -25.95
CA ARG A 319 2.21 -9.62 -26.01
C ARG A 319 3.25 -8.88 -25.15
N LEU A 320 3.52 -9.40 -23.95
CA LEU A 320 4.48 -8.76 -23.05
C LEU A 320 5.91 -8.72 -23.62
N THR A 321 6.34 -9.82 -24.23
CA THR A 321 7.67 -9.88 -24.84
C THR A 321 7.78 -8.91 -26.00
N ALA A 322 6.76 -8.90 -26.85
CA ALA A 322 6.74 -8.01 -28.00
C ALA A 322 6.78 -6.56 -27.57
N GLU A 323 5.99 -6.21 -26.55
CA GLU A 323 5.97 -4.84 -26.06
C GLU A 323 7.28 -4.43 -25.40
N LEU A 324 7.90 -5.35 -24.67
CA LEU A 324 9.19 -5.04 -24.05
C LEU A 324 10.27 -4.84 -25.12
N LEU A 325 10.35 -5.77 -26.06
CA LEU A 325 11.24 -5.65 -27.22
C LEU A 325 11.01 -4.32 -27.94
N ASP A 326 9.76 -3.87 -27.97
CA ASP A 326 9.40 -2.59 -28.59
C ASP A 326 10.03 -1.39 -27.90
N VAL A 327 9.88 -1.34 -26.58
CA VAL A 327 10.46 -0.27 -25.79
C VAL A 327 11.97 -0.23 -26.00
N MET A 328 12.60 -1.41 -25.97
CA MET A 328 14.03 -1.53 -26.09
C MET A 328 14.52 -1.12 -27.46
N ALA A 329 13.72 -1.44 -28.48
CA ALA A 329 14.08 -1.09 -29.84
C ALA A 329 14.04 0.42 -29.99
N LYS A 330 13.00 1.04 -29.43
CA LYS A 330 12.88 2.49 -29.46
C LYS A 330 14.05 3.19 -28.77
N LYS A 331 14.73 2.48 -27.87
CA LYS A 331 15.82 3.08 -27.11
C LYS A 331 17.18 2.53 -27.50
N GLY A 332 17.20 1.61 -28.45
CA GLY A 332 18.44 1.04 -28.95
C GLY A 332 19.07 0.03 -28.01
N TYR A 333 18.30 -0.43 -27.04
CA TYR A 333 18.79 -1.47 -26.14
C TYR A 333 18.82 -2.83 -26.83
N LYS A 334 19.90 -3.56 -26.63
CA LYS A 334 20.03 -4.88 -27.21
C LYS A 334 19.88 -5.99 -26.17
N ALA A 335 20.13 -5.66 -24.90
CA ALA A 335 20.06 -6.64 -23.81
C ALA A 335 19.61 -6.01 -22.50
N LEU A 336 18.85 -6.75 -21.69
CA LEU A 336 18.36 -6.25 -20.40
C LEU A 336 19.50 -5.82 -19.46
N ASP A 337 20.67 -6.46 -19.62
CA ASP A 337 21.82 -6.14 -18.79
C ASP A 337 22.30 -4.70 -19.01
N GLU A 338 21.75 -4.06 -20.04
CA GLU A 338 22.19 -2.72 -20.40
C GLU A 338 21.45 -1.63 -19.66
N PHE A 339 20.35 -1.97 -18.99
CA PHE A 339 19.62 -0.95 -18.23
C PHE A 339 19.00 -1.48 -16.95
N ARG A 340 19.22 -2.76 -16.65
CA ARG A 340 18.70 -3.30 -15.40
C ARG A 340 19.31 -2.53 -14.23
N GLY A 341 18.45 -1.94 -13.41
CA GLY A 341 18.88 -1.26 -12.19
C GLY A 341 19.49 0.10 -12.47
N LYS A 342 19.40 0.53 -13.72
CA LYS A 342 19.98 1.82 -14.12
C LYS A 342 18.95 2.96 -14.12
N VAL A 343 17.94 2.87 -13.26
CA VAL A 343 17.05 4.00 -13.03
C VAL A 343 17.88 5.22 -12.65
N LYS A 344 17.55 6.39 -13.18
CA LYS A 344 18.36 7.59 -12.97
C LYS A 344 17.76 8.57 -11.96
N ALA A 345 18.62 9.36 -11.32
CA ALA A 345 18.17 10.51 -10.56
C ALA A 345 17.96 11.64 -11.56
N MET A 346 17.13 12.62 -11.21
CA MET A 346 16.76 13.61 -12.20
C MET A 346 17.58 14.90 -12.12
N MET B 35 -33.47 14.97 2.41
CA MET B 35 -32.05 14.54 2.43
C MET B 35 -31.13 15.58 3.09
N SER B 36 -30.16 15.08 3.85
CA SER B 36 -29.17 15.93 4.50
C SER B 36 -27.81 15.26 4.57
N LEU B 37 -26.75 16.07 4.43
CA LEU B 37 -25.38 15.61 4.55
C LEU B 37 -24.73 16.11 5.84
N GLN B 38 -25.56 16.62 6.74
CA GLN B 38 -25.06 17.23 7.95
C GLN B 38 -24.37 16.21 8.81
N VAL B 39 -23.35 16.64 9.52
CA VAL B 39 -22.66 15.82 10.49
C VAL B 39 -22.67 16.61 11.81
N GLY B 40 -23.16 15.99 12.87
CA GLY B 40 -23.16 16.65 14.16
C GLY B 40 -22.15 15.92 15.00
N ILE B 41 -20.95 16.47 15.10
CA ILE B 41 -19.87 15.86 15.88
C ILE B 41 -19.05 16.92 16.56
N LEU B 42 -18.34 16.53 17.61
CA LEU B 42 -17.37 17.41 18.24
C LEU B 42 -17.97 18.75 18.70
N GLY B 43 -19.26 18.75 19.06
CA GLY B 43 -19.92 19.98 19.49
C GLY B 43 -20.18 20.97 18.37
N ASN B 44 -20.00 20.50 17.13
CA ASN B 44 -20.21 21.33 15.95
C ASN B 44 -21.19 20.73 14.95
N THR B 45 -21.81 21.59 14.18
CA THR B 45 -22.59 21.17 13.04
C THR B 45 -21.80 21.41 11.78
N PHE B 46 -21.63 20.36 10.99
CA PHE B 46 -20.91 20.48 9.72
C PHE B 46 -21.95 20.34 8.63
N ALA B 47 -21.91 21.26 7.65
CA ALA B 47 -22.91 21.27 6.58
C ALA B 47 -22.85 19.97 5.80
N ASN B 48 -21.63 19.43 5.70
CA ASN B 48 -21.40 18.17 5.01
C ASN B 48 -20.10 17.53 5.52
N PRO B 49 -19.84 16.27 5.16
CA PRO B 49 -18.66 15.63 5.73
C PRO B 49 -17.34 15.98 5.02
N PHE B 50 -17.38 16.80 3.96
CA PHE B 50 -16.17 17.01 3.17
C PHE B 50 -15.25 18.10 3.72
N MET B 51 -13.94 17.84 3.66
CA MET B 51 -12.92 18.83 3.94
C MET B 51 -11.69 18.52 3.09
N ASN B 52 -10.72 19.44 3.05
CA ASN B 52 -9.43 19.12 2.42
C ASN B 52 -8.66 18.12 3.29
N ALA B 53 -7.71 17.43 2.69
CA ALA B 53 -6.72 16.66 3.46
C ALA B 53 -5.64 17.62 3.93
N ALA B 54 -5.04 17.36 5.09
CA ALA B 54 -3.94 18.22 5.55
C ALA B 54 -2.83 18.20 4.54
N GLY B 55 -2.29 19.37 4.25
CA GLY B 55 -1.26 19.49 3.24
C GLY B 55 -1.73 19.98 1.90
N VAL B 56 -3.00 19.75 1.57
CA VAL B 56 -3.48 20.15 0.26
C VAL B 56 -4.32 21.43 0.33
N MET B 57 -3.94 22.42 -0.48
CA MET B 57 -4.59 23.74 -0.52
C MET B 57 -4.86 24.37 0.84
N CYS B 58 -3.82 24.48 1.67
CA CYS B 58 -4.05 24.97 3.02
C CYS B 58 -2.79 25.56 3.64
N SER B 59 -1.86 26.00 2.82
CA SER B 59 -0.58 26.49 3.35
C SER B 59 -0.57 28.02 3.49
N THR B 60 -1.23 28.72 2.57
CA THR B 60 -1.26 30.18 2.60
C THR B 60 -2.62 30.72 3.03
N GLU B 61 -2.64 32.00 3.39
CA GLU B 61 -3.88 32.68 3.71
C GLU B 61 -4.83 32.58 2.53
N GLU B 62 -4.29 32.75 1.33
CA GLU B 62 -5.10 32.70 0.12
C GLU B 62 -5.78 31.34 -0.04
N GLU B 63 -5.03 30.26 0.14
CA GLU B 63 -5.59 28.91 0.03
C GLU B 63 -6.64 28.63 1.11
N LEU B 64 -6.35 29.09 2.32
CA LEU B 64 -7.23 28.90 3.45
C LEU B 64 -8.54 29.71 3.25
N ALA B 65 -8.42 30.92 2.73
CA ALA B 65 -9.56 31.72 2.32
C ALA B 65 -10.42 30.99 1.27
N ALA B 66 -9.76 30.41 0.27
CA ALA B 66 -10.44 29.66 -0.78
C ALA B 66 -11.19 28.44 -0.24
N MET B 67 -10.59 27.72 0.72
CA MET B 67 -11.24 26.58 1.34
C MET B 67 -12.43 27.03 2.19
N THR B 68 -12.29 28.17 2.87
CA THR B 68 -13.37 28.69 3.69
C THR B 68 -14.53 29.12 2.79
N GLU B 69 -14.22 29.77 1.67
CA GLU B 69 -15.26 30.23 0.76
C GLU B 69 -15.95 29.10 0.00
N SER B 70 -15.30 27.93 -0.07
CA SER B 70 -15.85 26.76 -0.78
C SER B 70 -17.05 26.16 -0.03
N THR B 71 -17.69 25.16 -0.62
CA THR B 71 -18.86 24.54 0.00
C THR B 71 -18.46 23.37 0.89
N SER B 72 -17.16 23.21 1.14
CA SER B 72 -16.71 22.15 2.04
C SER B 72 -17.33 22.29 3.43
N GLY B 73 -17.57 21.19 4.10
CA GLY B 73 -18.05 21.21 5.47
C GLY B 73 -17.01 21.74 6.45
N SER B 74 -15.74 21.46 6.19
CA SER B 74 -14.70 21.98 7.05
C SER B 74 -13.41 22.16 6.31
N LEU B 75 -12.35 22.47 7.05
CA LEU B 75 -11.03 22.58 6.45
C LEU B 75 -9.97 22.40 7.51
N ILE B 76 -8.75 22.12 7.07
CA ILE B 76 -7.64 21.91 7.96
C ILE B 76 -6.39 22.59 7.40
N THR B 77 -5.57 23.15 8.28
CA THR B 77 -4.33 23.82 7.89
C THR B 77 -3.26 22.81 7.47
N LYS B 78 -2.25 23.28 6.76
CA LYS B 78 -1.05 22.52 6.48
C LYS B 78 -0.40 22.09 7.78
N SER B 79 0.01 20.82 7.88
CA SER B 79 0.77 20.34 9.05
C SER B 79 1.99 21.22 9.26
N CYS B 80 2.10 21.77 10.45
CA CYS B 80 3.11 22.78 10.72
C CYS B 80 4.11 22.34 11.79
N THR B 81 5.21 23.08 11.80
CA THR B 81 6.36 22.84 12.64
C THR B 81 6.54 24.12 13.42
N PRO B 82 7.30 24.09 14.54
CA PRO B 82 7.38 25.31 15.35
C PRO B 82 7.97 26.50 14.59
N ALA B 83 8.89 26.24 13.67
CA ALA B 83 9.41 27.29 12.79
C ALA B 83 9.13 26.98 11.32
N LEU B 84 9.09 28.02 10.51
CA LEU B 84 8.87 27.92 9.08
C LEU B 84 9.81 26.90 8.43
N ARG B 85 9.31 26.12 7.48
CA ARG B 85 10.15 25.19 6.71
C ARG B 85 9.95 25.39 5.21
N GLU B 86 11.03 25.36 4.46
CA GLU B 86 10.96 25.56 3.03
C GLU B 86 10.65 24.23 2.33
N GLY B 87 11.04 23.13 2.97
CA GLY B 87 10.71 21.81 2.47
C GLY B 87 11.77 21.20 1.58
N ASN B 88 11.41 20.11 0.88
CA ASN B 88 12.34 19.39 0.00
C ASN B 88 12.59 20.14 -1.32
N PRO B 89 13.67 19.78 -2.03
CA PRO B 89 13.90 20.46 -3.32
C PRO B 89 12.92 19.99 -4.40
N ALA B 90 12.65 20.84 -5.38
CA ALA B 90 11.64 20.55 -6.42
C ALA B 90 12.28 19.83 -7.60
N PRO B 91 11.49 19.05 -8.36
CA PRO B 91 10.08 18.72 -8.14
C PRO B 91 9.91 17.74 -6.98
N ARG B 92 8.85 17.95 -6.20
CA ARG B 92 8.61 17.12 -5.03
C ARG B 92 7.17 16.63 -5.02
N TYR B 93 6.48 16.90 -6.13
CA TYR B 93 5.12 16.41 -6.34
C TYR B 93 4.99 16.00 -7.80
N TYR B 94 4.32 14.90 -8.06
CA TYR B 94 4.11 14.48 -9.44
C TYR B 94 2.77 13.75 -9.62
N THR B 95 2.03 14.14 -10.64
CA THR B 95 0.70 13.61 -10.93
C THR B 95 0.79 12.25 -11.64
N LEU B 96 0.11 11.25 -11.09
CA LEU B 96 0.20 9.89 -11.62
C LEU B 96 -1.07 9.56 -12.42
N PRO B 97 -1.02 8.51 -13.25
CA PRO B 97 -2.26 8.13 -13.96
C PRO B 97 -3.40 7.93 -12.96
N LEU B 98 -3.09 7.33 -11.82
CA LEU B 98 -4.09 6.94 -10.85
C LEU B 98 -3.95 7.63 -9.50
N GLY B 99 -3.23 8.73 -9.43
CA GLY B 99 -3.07 9.41 -8.16
C GLY B 99 -1.89 10.36 -8.15
N SER B 100 -1.14 10.35 -7.04
CA SER B 100 -0.01 11.25 -6.93
C SER B 100 1.15 10.61 -6.19
N ILE B 101 2.33 11.19 -6.35
CA ILE B 101 3.45 10.86 -5.46
C ILE B 101 4.09 12.16 -5.01
N ASN B 102 4.50 12.22 -3.75
CA ASN B 102 5.10 13.46 -3.28
C ASN B 102 6.05 13.24 -2.13
N SER B 103 7.04 14.14 -2.05
CA SER B 103 7.92 14.22 -0.91
C SER B 103 8.12 15.70 -0.60
N MET B 104 7.06 16.36 -0.16
CA MET B 104 7.10 17.80 0.11
C MET B 104 8.16 18.13 1.18
N GLY B 105 8.26 17.30 2.20
CA GLY B 105 9.19 17.53 3.29
C GLY B 105 8.70 18.56 4.29
N LEU B 106 7.37 18.58 4.49
CA LEU B 106 6.73 19.50 5.42
C LEU B 106 7.02 21.00 5.23
N PRO B 107 6.95 21.50 3.98
CA PRO B 107 7.05 22.96 3.88
C PRO B 107 5.79 23.56 4.52
N ASN B 108 5.97 24.54 5.38
CA ASN B 108 4.84 25.16 6.05
C ASN B 108 5.30 26.51 6.57
N LYS B 109 4.35 27.39 6.86
CA LYS B 109 4.65 28.76 7.21
C LYS B 109 5.07 28.89 8.68
N GLY B 110 4.98 27.79 9.41
CA GLY B 110 5.38 27.78 10.81
C GLY B 110 4.14 27.89 11.69
N PHE B 111 4.23 27.34 12.89
CA PHE B 111 3.10 27.27 13.80
C PHE B 111 2.48 28.64 14.08
N ASP B 112 3.32 29.65 14.32
CA ASP B 112 2.85 30.98 14.64
C ASP B 112 1.88 31.49 13.61
N PHE B 113 2.13 31.13 12.36
CA PHE B 113 1.29 31.55 11.27
C PHE B 113 -0.10 30.90 11.34
N TYR B 114 -0.16 29.59 11.54
CA TYR B 114 -1.44 28.89 11.53
C TYR B 114 -2.22 29.21 12.80
N LEU B 115 -1.50 29.50 13.89
CA LEU B 115 -2.16 29.87 15.14
C LEU B 115 -2.85 31.21 14.94
N ALA B 116 -2.13 32.15 14.31
CA ALA B 116 -2.68 33.46 14.01
C ALA B 116 -3.89 33.35 13.11
N TYR B 117 -3.80 32.52 12.07
CA TYR B 117 -4.95 32.32 11.20
C TYR B 117 -6.14 31.84 12.04
N SER B 118 -5.90 30.84 12.89
CA SER B 118 -6.94 30.24 13.73
C SER B 118 -7.54 31.25 14.70
N ALA B 119 -6.72 32.18 15.16
CA ALA B 119 -7.12 33.05 16.25
C ALA B 119 -7.78 34.31 15.74
N ARG B 120 -7.39 34.75 14.55
CA ARG B 120 -7.72 36.10 14.13
C ARG B 120 -8.44 36.17 12.79
N HIS B 121 -8.14 35.22 11.92
CA HIS B 121 -8.57 35.33 10.53
C HIS B 121 -9.72 34.42 10.15
N HIS B 122 -9.78 33.23 10.72
CA HIS B 122 -10.78 32.29 10.27
C HIS B 122 -12.17 32.70 10.67
N ASP B 123 -13.10 32.60 9.73
CA ASP B 123 -14.50 32.88 10.00
C ASP B 123 -15.23 31.62 10.44
N TYR B 124 -15.42 31.47 11.74
CA TYR B 124 -16.03 30.26 12.31
C TYR B 124 -17.52 30.16 12.08
N SER B 125 -18.15 31.26 11.68
CA SER B 125 -19.57 31.23 11.36
C SER B 125 -19.77 30.58 10.00
N ARG B 126 -18.68 30.45 9.24
CA ARG B 126 -18.71 29.83 7.94
C ARG B 126 -18.62 28.29 8.06
N LYS B 127 -17.67 27.81 8.87
CA LYS B 127 -17.47 26.38 9.10
C LYS B 127 -16.39 26.17 10.17
N PRO B 128 -16.38 25.00 10.84
CA PRO B 128 -15.34 24.77 11.84
C PRO B 128 -13.98 24.59 11.20
N LEU B 129 -12.93 24.80 11.99
CA LEU B 129 -11.55 24.72 11.49
C LEU B 129 -10.75 23.69 12.25
N PHE B 130 -9.96 22.91 11.53
CA PHE B 130 -8.99 22.01 12.14
C PHE B 130 -7.56 22.58 11.97
N ILE B 131 -6.70 22.40 12.96
CA ILE B 131 -5.28 22.74 12.80
C ILE B 131 -4.45 21.47 12.88
N SER B 132 -3.57 21.28 11.91
CA SER B 132 -2.69 20.14 11.92
C SER B 132 -1.31 20.51 12.45
N ILE B 133 -0.83 19.79 13.47
CA ILE B 133 0.54 20.01 13.89
C ILE B 133 1.36 18.73 13.71
N SER B 134 2.59 18.91 13.26
CA SER B 134 3.47 17.79 13.05
C SER B 134 4.89 18.16 13.49
N GLY B 135 5.04 18.41 14.78
CA GLY B 135 6.35 18.65 15.36
C GLY B 135 7.25 17.42 15.25
N PHE B 136 8.56 17.64 15.32
CA PHE B 136 9.55 16.61 15.10
C PHE B 136 9.88 15.82 16.35
N SER B 137 9.38 16.27 17.49
CA SER B 137 9.54 15.52 18.72
C SER B 137 8.29 15.71 19.57
N ALA B 138 8.17 14.92 20.64
CA ALA B 138 7.00 14.99 21.49
C ALA B 138 6.92 16.37 22.14
N GLU B 139 8.09 16.89 22.51
CA GLU B 139 8.20 18.17 23.19
C GLU B 139 7.79 19.33 22.30
N GLU B 140 8.29 19.34 21.07
CA GLU B 140 7.89 20.33 20.07
C GLU B 140 6.36 20.37 19.95
N ASN B 141 5.75 19.19 19.87
CA ASN B 141 4.31 19.09 19.80
C ASN B 141 3.64 19.57 21.09
N ALA B 142 4.21 19.21 22.23
CA ALA B 142 3.69 19.68 23.51
C ALA B 142 3.72 21.20 23.60
N GLU B 143 4.82 21.81 23.17
CA GLU B 143 4.98 23.26 23.26
C GLU B 143 3.93 23.99 22.39
N MET B 144 3.78 23.56 21.15
CA MET B 144 2.73 24.09 20.28
C MET B 144 1.32 23.91 20.88
N CYS B 145 1.03 22.73 21.42
CA CYS B 145 -0.29 22.47 22.04
C CYS B 145 -0.56 23.40 23.23
N LYS B 146 0.46 23.65 24.05
CA LYS B 146 0.32 24.60 25.15
C LYS B 146 -0.12 25.96 24.62
N ARG B 147 0.47 26.41 23.52
CA ARG B 147 0.09 27.70 22.93
C ARG B 147 -1.25 27.65 22.17
N LEU B 148 -1.56 26.51 21.57
CA LEU B 148 -2.82 26.39 20.87
C LEU B 148 -4.03 26.40 21.84
N ALA B 149 -3.81 25.88 23.05
CA ALA B 149 -4.90 25.59 23.99
C ALA B 149 -5.83 26.76 24.24
N PRO B 150 -5.29 27.95 24.59
CA PRO B 150 -6.27 29.02 24.80
C PRO B 150 -7.02 29.44 23.52
N VAL B 151 -6.41 29.27 22.36
CA VAL B 151 -7.07 29.65 21.12
C VAL B 151 -8.20 28.68 20.82
N ALA B 152 -7.93 27.40 21.07
CA ALA B 152 -8.93 26.36 20.94
C ALA B 152 -10.11 26.63 21.89
N ALA B 153 -9.84 26.98 23.15
CA ALA B 153 -10.92 27.28 24.11
C ALA B 153 -11.82 28.44 23.64
N GLU B 154 -11.22 29.52 23.15
CA GLU B 154 -12.01 30.69 22.81
C GLU B 154 -12.65 30.63 21.44
N LYS B 155 -11.95 30.06 20.45
CA LYS B 155 -12.40 30.11 19.05
C LYS B 155 -12.99 28.79 18.55
N GLY B 156 -12.51 27.68 19.12
CA GLY B 156 -13.04 26.37 18.76
C GLY B 156 -12.27 25.60 17.69
N VAL B 157 -11.09 26.09 17.31
CA VAL B 157 -10.25 25.36 16.39
C VAL B 157 -9.92 24.00 17.00
N ILE B 158 -9.85 22.97 16.17
CA ILE B 158 -9.71 21.60 16.62
C ILE B 158 -8.40 20.99 16.16
N LEU B 159 -7.63 20.42 17.08
CA LEU B 159 -6.32 19.90 16.74
C LEU B 159 -6.34 18.52 16.05
N GLU B 160 -5.61 18.38 14.92
CA GLU B 160 -5.27 17.05 14.40
C GLU B 160 -3.76 16.88 14.55
N LEU B 161 -3.35 15.91 15.37
CA LEU B 161 -1.92 15.64 15.58
C LEU B 161 -1.44 14.64 14.53
N ASN B 162 -0.42 15.02 13.76
CA ASN B 162 0.04 14.16 12.68
C ASN B 162 1.08 13.18 13.19
N LEU B 163 0.67 11.93 13.42
CA LEU B 163 1.60 10.89 13.88
C LEU B 163 2.27 10.15 12.72
N SER B 164 2.23 10.74 11.52
CA SER B 164 2.76 10.12 10.31
C SER B 164 3.57 11.10 9.48
N GLN B 173 8.85 6.59 11.09
CA GLN B 173 7.48 7.09 11.21
C GLN B 173 6.91 6.67 12.56
N VAL B 174 6.33 7.64 13.29
CA VAL B 174 6.04 7.48 14.72
C VAL B 174 4.98 6.43 15.05
N ALA B 175 3.89 6.42 14.28
CA ALA B 175 2.78 5.52 14.60
C ALA B 175 3.15 4.08 14.23
N TYR B 176 4.17 3.93 13.39
CA TYR B 176 4.72 2.62 13.08
C TYR B 176 5.60 2.07 14.22
N ASP B 177 5.80 2.87 15.26
CA ASP B 177 6.51 2.43 16.47
C ASP B 177 5.61 2.66 17.69
N PHE B 178 5.06 1.58 18.24
CA PHE B 178 3.93 1.70 19.16
C PHE B 178 4.25 2.30 20.52
N ASP B 179 5.50 2.23 20.94
CA ASP B 179 5.83 2.82 22.24
C ASP B 179 6.07 4.32 22.09
N ALA B 180 6.69 4.71 20.98
CA ALA B 180 6.83 6.11 20.61
C ALA B 180 5.46 6.79 20.45
N MET B 181 4.52 6.06 19.86
CA MET B 181 3.15 6.54 19.74
C MET B 181 2.52 6.71 21.11
N ARG B 182 2.66 5.69 21.95
CA ARG B 182 2.14 5.75 23.32
C ARG B 182 2.72 6.94 24.06
N ARG B 183 4.04 7.14 23.88
CA ARG B 183 4.75 8.26 24.51
C ARG B 183 4.22 9.62 24.08
N TYR B 184 4.11 9.82 22.77
CA TYR B 184 3.56 11.07 22.22
C TYR B 184 2.20 11.39 22.79
N LEU B 185 1.29 10.43 22.66
CA LEU B 185 -0.09 10.58 23.13
C LEU B 185 -0.16 10.97 24.60
N ALA B 186 0.70 10.37 25.41
CA ALA B 186 0.75 10.69 26.83
C ALA B 186 1.31 12.09 27.02
N ALA B 187 2.34 12.43 26.26
CA ALA B 187 2.94 13.75 26.35
C ALA B 187 1.90 14.80 25.96
N ILE B 188 1.20 14.55 24.86
CA ILE B 188 0.23 15.53 24.39
C ILE B 188 -0.94 15.66 25.34
N SER B 189 -1.43 14.52 25.85
CA SER B 189 -2.56 14.54 26.77
C SER B 189 -2.21 15.29 28.06
N GLU B 190 -0.96 15.18 28.48
CA GLU B 190 -0.47 15.97 29.61
C GLU B 190 -0.46 17.46 29.24
N ALA B 191 0.10 17.78 28.08
CA ALA B 191 0.25 19.18 27.67
C ALA B 191 -1.05 19.89 27.26
N TYR B 192 -2.03 19.14 26.76
CA TYR B 192 -3.18 19.75 26.09
C TYR B 192 -4.51 19.41 26.76
N PRO B 193 -5.26 20.43 27.20
CA PRO B 193 -6.44 20.15 28.02
C PRO B 193 -7.69 19.76 27.21
N HIS B 194 -7.65 19.95 25.91
CA HIS B 194 -8.83 19.70 25.08
C HIS B 194 -8.73 18.36 24.37
N PRO B 195 -9.87 17.88 23.84
CA PRO B 195 -9.76 16.69 23.01
C PRO B 195 -9.10 17.00 21.66
N PHE B 196 -8.48 16.00 21.05
CA PHE B 196 -7.84 16.19 19.76
C PHE B 196 -7.95 14.92 18.95
N GLY B 197 -7.59 15.00 17.68
CA GLY B 197 -7.52 13.82 16.84
C GLY B 197 -6.10 13.49 16.43
N VAL B 198 -5.95 12.32 15.81
CA VAL B 198 -4.65 11.89 15.35
C VAL B 198 -4.72 11.37 13.89
N LYS B 199 -3.79 11.83 13.08
CA LYS B 199 -3.64 11.39 11.69
C LYS B 199 -2.67 10.20 11.63
N MET B 200 -3.19 9.07 11.14
CA MET B 200 -2.48 7.81 11.10
C MET B 200 -1.94 7.41 9.72
N PRO B 201 -0.80 6.72 9.69
CA PRO B 201 -0.35 6.06 8.47
C PRO B 201 -1.18 4.79 8.27
N PRO B 202 -1.17 4.23 7.06
CA PRO B 202 -1.91 2.97 6.89
C PRO B 202 -1.19 1.80 7.58
N TYR B 203 -1.97 0.86 8.12
CA TYR B 203 -1.46 -0.43 8.55
C TYR B 203 -1.99 -1.49 7.61
N PHE B 204 -1.38 -2.66 7.62
CA PHE B 204 -1.64 -3.68 6.61
C PHE B 204 -1.83 -5.09 7.19
N ASP B 205 -1.99 -5.18 8.50
CA ASP B 205 -2.38 -6.46 9.09
C ASP B 205 -3.10 -6.23 10.41
N PHE B 206 -3.83 -7.25 10.84
CA PHE B 206 -4.73 -7.11 11.98
C PHE B 206 -3.99 -7.02 13.32
N ALA B 207 -2.76 -7.52 13.37
CA ALA B 207 -1.99 -7.38 14.60
C ALA B 207 -1.73 -5.91 14.87
N HIS B 208 -1.43 -5.16 13.82
CA HIS B 208 -1.13 -3.74 13.97
C HIS B 208 -2.39 -2.93 14.28
N PHE B 209 -3.48 -3.22 13.58
CA PHE B 209 -4.77 -2.62 13.89
C PHE B 209 -5.07 -2.82 15.37
N ASP B 210 -4.89 -4.05 15.86
CA ASP B 210 -5.18 -4.35 17.26
C ASP B 210 -4.26 -3.59 18.22
N ALA B 211 -2.96 -3.57 17.92
CA ALA B 211 -1.98 -2.83 18.72
C ALA B 211 -2.28 -1.33 18.80
N ALA B 212 -2.48 -0.70 17.64
CA ALA B 212 -2.78 0.74 17.62
C ALA B 212 -4.08 1.05 18.36
N ALA B 213 -5.14 0.33 18.04
CA ALA B 213 -6.44 0.52 18.70
C ALA B 213 -6.31 0.45 20.21
N GLU B 214 -5.57 -0.56 20.68
CA GLU B 214 -5.43 -0.78 22.11
C GLU B 214 -4.81 0.45 22.78
N ILE B 215 -3.81 1.04 22.12
CA ILE B 215 -3.16 2.24 22.65
C ILE B 215 -4.07 3.46 22.59
N LEU B 216 -4.68 3.67 21.42
CA LEU B 216 -5.56 4.82 21.23
C LEU B 216 -6.70 4.83 22.24
N ASN B 217 -7.29 3.65 22.48
CA ASN B 217 -8.42 3.55 23.39
C ASN B 217 -8.08 3.85 24.84
N GLN B 218 -6.79 3.95 25.13
CA GLN B 218 -6.33 4.27 26.47
C GLN B 218 -6.25 5.77 26.71
N PHE B 219 -6.47 6.56 25.66
CA PHE B 219 -6.43 8.02 25.77
C PHE B 219 -7.75 8.63 25.37
N PRO B 220 -8.52 9.06 26.39
CA PRO B 220 -9.87 9.60 26.22
C PRO B 220 -9.88 10.92 25.48
N LYS B 221 -8.76 11.63 25.45
CA LYS B 221 -8.75 12.91 24.75
C LYS B 221 -8.67 12.70 23.24
N VAL B 222 -8.26 11.49 22.82
CA VAL B 222 -8.21 11.22 21.39
C VAL B 222 -9.63 10.90 20.93
N GLN B 223 -10.25 11.89 20.32
CA GLN B 223 -11.65 11.84 19.97
C GLN B 223 -11.88 11.48 18.51
N PHE B 224 -10.90 11.71 17.65
CA PHE B 224 -11.03 11.20 16.29
C PHE B 224 -9.72 10.65 15.74
N ILE B 225 -9.87 9.76 14.77
CA ILE B 225 -8.74 9.11 14.12
C ILE B 225 -8.89 9.27 12.63
N THR B 226 -7.90 9.89 12.00
CA THR B 226 -7.93 10.07 10.56
C THR B 226 -7.12 8.99 9.87
N CYS B 227 -7.81 8.20 9.05
CA CYS B 227 -7.21 7.18 8.21
C CYS B 227 -7.48 7.48 6.73
N ILE B 228 -6.46 7.73 5.91
CA ILE B 228 -5.04 7.51 6.21
C ILE B 228 -4.16 8.62 5.63
N ASN B 229 -2.95 8.74 6.18
CA ASN B 229 -1.88 9.45 5.50
C ASN B 229 -1.46 8.63 4.27
N SER B 230 -0.55 9.17 3.48
CA SER B 230 -0.02 8.49 2.29
C SER B 230 0.45 7.06 2.55
N ILE B 231 0.23 6.18 1.58
CA ILE B 231 0.97 4.90 1.58
C ILE B 231 2.44 5.26 1.35
N GLY B 232 3.27 4.92 2.31
CA GLY B 232 4.64 5.44 2.33
C GLY B 232 5.60 4.90 1.29
N ASN B 233 6.43 5.79 0.77
CA ASN B 233 7.63 5.40 0.02
C ASN B 233 7.36 4.49 -1.18
N GLY B 234 6.41 4.86 -2.02
CA GLY B 234 6.31 4.24 -3.34
C GLY B 234 7.39 4.83 -4.24
N LEU B 235 7.50 4.33 -5.47
CA LEU B 235 8.51 4.85 -6.39
C LEU B 235 7.91 4.86 -7.78
N VAL B 236 8.07 5.94 -8.52
CA VAL B 236 7.66 5.88 -9.92
C VAL B 236 8.77 6.39 -10.81
N ILE B 237 8.85 5.77 -11.99
CA ILE B 237 9.94 6.00 -12.93
C ILE B 237 9.31 6.34 -14.28
N ASP B 238 9.83 7.37 -14.95
CA ASP B 238 9.30 7.70 -16.27
C ASP B 238 9.96 6.81 -17.33
N VAL B 239 9.16 6.25 -18.22
CA VAL B 239 9.67 5.34 -19.23
C VAL B 239 10.62 6.07 -20.17
N GLU B 240 10.24 7.29 -20.55
CA GLU B 240 10.97 8.08 -21.53
C GLU B 240 12.34 8.55 -21.01
N THR B 241 12.37 9.06 -19.79
CA THR B 241 13.61 9.57 -19.21
C THR B 241 14.38 8.50 -18.46
N GLU B 242 13.73 7.35 -18.21
CA GLU B 242 14.32 6.26 -17.41
C GLU B 242 14.79 6.75 -16.04
N SER B 243 14.13 7.76 -15.50
CA SER B 243 14.51 8.32 -14.21
C SER B 243 13.31 8.57 -13.30
N VAL B 244 13.58 8.79 -12.02
CA VAL B 244 12.52 9.03 -11.07
C VAL B 244 11.91 10.39 -11.35
N VAL B 245 10.69 10.60 -10.85
CA VAL B 245 9.90 11.78 -11.17
C VAL B 245 9.88 12.83 -10.04
N ILE B 246 10.38 12.48 -8.87
CA ILE B 246 10.64 13.54 -7.89
C ILE B 246 12.09 13.49 -7.41
N LYS B 247 12.61 14.65 -7.04
CA LYS B 247 14.03 14.79 -6.69
C LYS B 247 14.46 14.20 -5.33
N PRO B 248 13.72 14.50 -4.22
CA PRO B 248 14.15 13.98 -2.90
C PRO B 248 14.19 12.46 -2.77
N LYS B 249 14.96 11.98 -1.79
CA LYS B 249 14.92 10.58 -1.37
C LYS B 249 15.02 9.58 -2.51
N GLN B 250 15.79 9.92 -3.54
CA GLN B 250 15.99 9.06 -4.70
C GLN B 250 14.68 8.69 -5.40
N GLY B 251 13.71 9.60 -5.33
CA GLY B 251 12.43 9.39 -5.98
C GLY B 251 11.39 8.67 -5.16
N PHE B 252 11.72 8.25 -3.94
CA PHE B 252 10.72 7.61 -3.07
C PHE B 252 9.82 8.66 -2.40
N GLY B 253 8.52 8.41 -2.43
CA GLY B 253 7.55 9.33 -1.84
C GLY B 253 6.22 8.71 -1.47
N GLY B 254 5.39 9.47 -0.77
CA GLY B 254 4.09 8.98 -0.36
C GLY B 254 3.11 8.96 -1.52
N LEU B 255 2.36 7.88 -1.61
CA LEU B 255 1.34 7.72 -2.64
C LEU B 255 0.00 8.26 -2.17
N GLY B 256 -0.70 8.94 -3.07
CA GLY B 256 -2.03 9.44 -2.80
C GLY B 256 -2.95 9.07 -3.94
N GLY B 257 -4.27 9.20 -3.74
CA GLY B 257 -5.20 9.01 -4.82
C GLY B 257 -5.75 7.60 -4.90
N ARG B 258 -6.07 7.19 -6.11
CA ARG B 258 -6.79 5.94 -6.30
C ARG B 258 -5.98 4.72 -5.87
N TYR B 259 -4.66 4.83 -5.86
CA TYR B 259 -3.82 3.72 -5.38
C TYR B 259 -4.14 3.29 -3.95
N VAL B 260 -4.57 4.24 -3.13
CA VAL B 260 -4.58 4.04 -1.69
C VAL B 260 -6.00 3.76 -1.18
N PHE B 261 -6.94 3.73 -2.09
CA PHE B 261 -8.35 3.77 -1.71
C PHE B 261 -8.76 2.50 -0.94
N PRO B 262 -8.47 1.31 -1.48
CA PRO B 262 -8.86 0.12 -0.71
C PRO B 262 -8.11 -0.05 0.60
N THR B 263 -6.89 0.46 0.65
CA THR B 263 -6.13 0.50 1.89
C THR B 263 -6.79 1.49 2.85
N ALA B 264 -7.15 2.66 2.34
CA ALA B 264 -7.85 3.65 3.14
C ALA B 264 -9.17 3.11 3.75
N LEU B 265 -10.02 2.48 2.94
CA LEU B 265 -11.29 1.94 3.44
C LEU B 265 -11.00 0.92 4.51
N ALA B 266 -10.00 0.07 4.27
CA ALA B 266 -9.68 -1.00 5.21
C ALA B 266 -9.30 -0.42 6.57
N ASN B 267 -8.49 0.64 6.57
CA ASN B 267 -8.04 1.24 7.82
C ASN B 267 -9.21 1.97 8.52
N VAL B 268 -10.04 2.65 7.73
CA VAL B 268 -11.21 3.31 8.30
C VAL B 268 -12.10 2.30 9.02
N ASN B 269 -12.46 1.22 8.34
CA ASN B 269 -13.33 0.23 8.92
C ASN B 269 -12.68 -0.48 10.12
N ALA B 270 -11.41 -0.83 9.98
CA ALA B 270 -10.68 -1.54 11.04
C ALA B 270 -10.67 -0.76 12.34
N PHE B 271 -10.40 0.55 12.25
CA PHE B 271 -10.49 1.40 13.43
C PHE B 271 -11.91 1.76 13.85
N TYR B 272 -12.84 1.81 12.89
CA TYR B 272 -14.25 2.01 13.24
C TYR B 272 -14.73 0.91 14.17
N ARG B 273 -14.31 -0.32 13.89
CA ARG B 273 -14.71 -1.49 14.66
C ARG B 273 -14.05 -1.53 16.03
N ARG B 274 -12.75 -1.24 16.05
CA ARG B 274 -11.95 -1.38 17.26
C ARG B 274 -12.00 -0.17 18.22
N CYS B 275 -12.48 0.96 17.74
CA CYS B 275 -12.53 2.17 18.57
C CYS B 275 -13.91 2.78 18.56
N PRO B 276 -14.89 2.09 19.18
CA PRO B 276 -16.27 2.56 19.11
C PRO B 276 -16.48 3.86 19.84
N GLY B 277 -15.57 4.25 20.73
CA GLY B 277 -15.70 5.53 21.43
C GLY B 277 -15.17 6.75 20.68
N LYS B 278 -14.62 6.54 19.49
CA LYS B 278 -13.97 7.62 18.75
C LYS B 278 -14.62 7.79 17.39
N LEU B 279 -14.48 8.99 16.82
CA LEU B 279 -14.85 9.24 15.43
C LEU B 279 -13.73 8.76 14.53
N ILE B 280 -14.07 8.26 13.34
CA ILE B 280 -13.09 7.99 12.29
C ILE B 280 -13.23 9.02 11.18
N PHE B 281 -12.12 9.65 10.79
CA PHE B 281 -12.16 10.48 9.58
C PHE B 281 -11.53 9.69 8.45
N GLY B 282 -12.21 9.66 7.31
CA GLY B 282 -11.71 9.00 6.12
C GLY B 282 -10.85 9.94 5.29
N CYS B 283 -9.72 9.42 4.84
CA CYS B 283 -8.86 10.14 3.91
C CYS B 283 -8.17 9.15 2.98
N GLY B 284 -8.28 9.35 1.66
CA GLY B 284 -7.62 8.48 0.70
C GLY B 284 -8.47 8.08 -0.50
N GLY B 285 -8.05 8.53 -1.68
CA GLY B 285 -8.65 8.13 -2.94
C GLY B 285 -10.05 8.65 -3.26
N VAL B 286 -10.46 9.75 -2.62
CA VAL B 286 -11.81 10.25 -2.91
C VAL B 286 -11.76 11.14 -4.15
N TYR B 287 -12.40 10.69 -5.21
CA TYR B 287 -12.58 11.50 -6.42
C TYR B 287 -14.05 11.72 -6.76
N THR B 288 -14.94 10.89 -6.21
CA THR B 288 -16.36 11.04 -6.47
C THR B 288 -17.20 10.93 -5.22
N GLY B 289 -18.48 11.24 -5.36
CA GLY B 289 -19.47 11.02 -4.32
C GLY B 289 -19.63 9.57 -3.93
N GLU B 290 -19.46 8.66 -4.88
CA GLU B 290 -19.52 7.24 -4.58
C GLU B 290 -18.35 6.80 -3.72
N ASP B 291 -17.16 7.36 -3.99
CA ASP B 291 -16.00 7.10 -3.16
C ASP B 291 -16.27 7.53 -1.72
N ALA B 292 -16.89 8.71 -1.57
CA ALA B 292 -17.22 9.25 -0.25
C ALA B 292 -18.28 8.36 0.44
N PHE B 293 -19.25 7.91 -0.36
CA PHE B 293 -20.28 7.02 0.14
C PHE B 293 -19.65 5.75 0.76
N LEU B 294 -18.68 5.18 0.08
CA LEU B 294 -17.95 4.01 0.60
C LEU B 294 -17.16 4.31 1.87
N HIS B 295 -16.45 5.44 1.91
CA HIS B 295 -15.78 5.82 3.16
C HIS B 295 -16.77 5.86 4.33
N VAL B 296 -17.94 6.47 4.09
CA VAL B 296 -18.93 6.59 5.15
C VAL B 296 -19.49 5.21 5.52
N LEU B 297 -19.76 4.38 4.51
CA LEU B 297 -20.20 3.00 4.74
C LEU B 297 -19.17 2.23 5.57
N ALA B 298 -17.88 2.51 5.35
CA ALA B 298 -16.83 1.88 6.13
C ALA B 298 -16.78 2.43 7.55
N GLY B 299 -17.42 3.59 7.76
CA GLY B 299 -17.47 4.17 9.09
C GLY B 299 -16.93 5.58 9.24
N ALA B 300 -16.61 6.27 8.14
CA ALA B 300 -16.08 7.63 8.25
C ALA B 300 -17.16 8.62 8.65
N SER B 301 -16.80 9.56 9.54
CA SER B 301 -17.68 10.65 9.90
C SER B 301 -17.43 11.88 9.05
N MET B 302 -16.15 12.23 8.90
CA MET B 302 -15.75 13.22 7.91
C MET B 302 -14.98 12.53 6.79
N VAL B 303 -14.95 13.16 5.62
CA VAL B 303 -14.24 12.64 4.44
C VAL B 303 -13.32 13.71 3.91
N GLN B 304 -12.03 13.42 3.92
CA GLN B 304 -11.02 14.38 3.49
C GLN B 304 -10.64 14.11 2.05
N VAL B 305 -10.35 15.18 1.33
CA VAL B 305 -10.03 15.12 -0.09
C VAL B 305 -8.65 15.74 -0.32
N GLY B 306 -7.71 14.96 -0.86
CA GLY B 306 -6.34 15.43 -1.06
C GLY B 306 -5.98 15.58 -2.53
N THR B 307 -5.43 14.53 -3.13
CA THR B 307 -4.98 14.60 -4.53
C THR B 307 -6.03 15.15 -5.48
N ALA B 308 -7.26 14.67 -5.34
CA ALA B 308 -8.32 15.14 -6.23
C ALA B 308 -8.53 16.65 -6.09
N LEU B 309 -8.44 17.17 -4.86
CA LEU B 309 -8.66 18.59 -4.63
C LEU B 309 -7.51 19.40 -5.22
N HIS B 310 -6.32 18.85 -5.09
CA HIS B 310 -5.13 19.46 -5.64
C HIS B 310 -5.27 19.64 -7.14
N GLU B 311 -5.83 18.65 -7.82
CA GLU B 311 -5.97 18.71 -9.28
C GLU B 311 -7.14 19.56 -9.73
N GLU B 312 -8.24 19.51 -9.00
CA GLU B 312 -9.48 20.13 -9.45
C GLU B 312 -9.74 21.51 -8.84
N GLY B 313 -9.28 21.73 -7.62
CA GLY B 313 -9.58 22.98 -6.92
C GLY B 313 -10.84 22.94 -6.07
N ALA B 314 -11.14 24.02 -5.36
CA ALA B 314 -12.17 24.00 -4.32
C ALA B 314 -13.58 23.76 -4.84
N ALA B 315 -13.79 23.91 -6.14
CA ALA B 315 -15.13 23.70 -6.69
C ALA B 315 -15.49 22.21 -6.64
N ILE B 316 -14.50 21.36 -6.42
CA ILE B 316 -14.74 19.92 -6.32
C ILE B 316 -15.79 19.60 -5.24
N PHE B 317 -15.89 20.43 -4.20
CA PHE B 317 -16.81 20.14 -3.11
C PHE B 317 -18.28 20.26 -3.51
N GLU B 318 -18.62 21.14 -4.45
CA GLU B 318 -20.01 21.16 -4.87
C GLU B 318 -20.35 19.96 -5.75
N ARG B 319 -19.35 19.41 -6.43
CA ARG B 319 -19.58 18.21 -7.23
C ARG B 319 -19.72 17.00 -6.33
N LEU B 320 -18.83 16.89 -5.35
CA LEU B 320 -18.82 15.79 -4.40
C LEU B 320 -20.10 15.74 -3.58
N THR B 321 -20.66 16.88 -3.18
CA THR B 321 -21.92 16.86 -2.43
C THR B 321 -23.05 16.40 -3.33
N ALA B 322 -23.09 16.91 -4.57
CA ALA B 322 -24.15 16.54 -5.47
C ALA B 322 -24.09 15.04 -5.74
N GLU B 323 -22.89 14.51 -5.97
CA GLU B 323 -22.74 13.08 -6.28
C GLU B 323 -23.13 12.18 -5.09
N LEU B 324 -22.75 12.58 -3.88
CA LEU B 324 -23.08 11.79 -2.70
C LEU B 324 -24.60 11.84 -2.46
N LEU B 325 -25.20 13.01 -2.67
CA LEU B 325 -26.64 13.14 -2.58
C LEU B 325 -27.35 12.28 -3.63
N ASP B 326 -26.72 12.10 -4.79
CA ASP B 326 -27.29 11.27 -5.85
C ASP B 326 -27.29 9.81 -5.47
N VAL B 327 -26.25 9.35 -4.79
CA VAL B 327 -26.22 7.94 -4.41
C VAL B 327 -27.27 7.67 -3.31
N MET B 328 -27.33 8.57 -2.34
CA MET B 328 -28.30 8.44 -1.27
C MET B 328 -29.73 8.46 -1.78
N ALA B 329 -29.98 9.26 -2.81
CA ALA B 329 -31.31 9.40 -3.36
C ALA B 329 -31.72 8.12 -4.08
N LYS B 330 -30.80 7.55 -4.86
CA LYS B 330 -31.10 6.29 -5.54
C LYS B 330 -31.45 5.21 -4.53
N LYS B 331 -30.97 5.34 -3.31
CA LYS B 331 -31.08 4.26 -2.33
C LYS B 331 -32.10 4.58 -1.24
N GLY B 332 -32.69 5.76 -1.30
CA GLY B 332 -33.68 6.17 -0.34
C GLY B 332 -33.13 6.61 1.01
N TYR B 333 -31.83 6.87 1.10
CA TYR B 333 -31.26 7.42 2.34
C TYR B 333 -31.56 8.93 2.48
N LYS B 334 -31.74 9.39 3.71
CA LYS B 334 -32.10 10.78 3.99
C LYS B 334 -31.06 11.45 4.87
N ALA B 335 -30.29 10.62 5.56
CA ALA B 335 -29.22 11.09 6.42
C ALA B 335 -28.08 10.07 6.40
N LEU B 336 -26.86 10.54 6.64
CA LEU B 336 -25.66 9.71 6.64
C LEU B 336 -25.67 8.64 7.73
N ASP B 337 -26.31 8.94 8.87
CA ASP B 337 -26.41 7.97 9.97
C ASP B 337 -27.13 6.69 9.57
N GLU B 338 -27.96 6.79 8.53
CA GLU B 338 -28.71 5.63 8.05
C GLU B 338 -27.79 4.57 7.42
N PHE B 339 -26.55 4.91 7.09
CA PHE B 339 -25.64 3.90 6.52
C PHE B 339 -24.20 4.01 6.98
N ARG B 340 -23.89 4.96 7.85
CA ARG B 340 -22.52 5.11 8.28
C ARG B 340 -22.12 3.87 9.07
N GLY B 341 -20.99 3.27 8.69
CA GLY B 341 -20.48 2.08 9.34
C GLY B 341 -21.34 0.83 9.08
N LYS B 342 -22.32 0.92 8.18
CA LYS B 342 -23.22 -0.20 7.94
C LYS B 342 -22.79 -1.10 6.79
N VAL B 343 -21.50 -1.07 6.42
CA VAL B 343 -20.98 -1.99 5.42
C VAL B 343 -21.35 -3.43 5.80
N LYS B 344 -21.82 -4.21 4.84
CA LYS B 344 -22.26 -5.59 5.14
C LYS B 344 -21.19 -6.63 4.82
N ALA B 345 -21.06 -7.63 5.68
CA ALA B 345 -20.26 -8.80 5.37
C ALA B 345 -21.13 -9.71 4.50
N MET B 346 -20.54 -10.78 3.97
CA MET B 346 -21.33 -11.71 3.16
C MET B 346 -21.86 -12.88 3.99
N1 FMN C . 1.56 -15.14 -3.81
C2 FMN C . 2.29 -16.14 -3.22
O2 FMN C . 3.42 -15.89 -2.82
N3 FMN C . 1.75 -17.40 -3.07
C4 FMN C . 0.47 -17.68 -3.52
O4 FMN C . 0.01 -18.81 -3.37
C4A FMN C . -0.28 -16.67 -4.13
N5 FMN C . -1.56 -16.89 -4.59
C5A FMN C . -2.27 -15.87 -5.20
C6 FMN C . -3.56 -16.08 -5.68
C7 FMN C . -4.26 -15.04 -6.29
C7M FMN C . -5.65 -15.29 -6.80
C8 FMN C . -3.67 -13.79 -6.42
C8M FMN C . -4.41 -12.66 -7.06
C9 FMN C . -2.40 -13.58 -5.94
C9A FMN C . -1.69 -14.60 -5.33
N10 FMN C . -0.41 -14.37 -4.86
C10 FMN C . 0.28 -15.40 -4.26
C1' FMN C . 0.24 -13.03 -4.98
C2' FMN C . 1.00 -12.88 -6.28
O2' FMN C . 1.98 -13.88 -6.37
C3' FMN C . 1.69 -11.52 -6.38
O3' FMN C . 2.56 -11.28 -5.29
C4' FMN C . 0.71 -10.36 -6.52
O4' FMN C . -0.51 -10.78 -7.11
C5' FMN C . 1.39 -9.35 -7.44
O5' FMN C . 0.36 -8.58 -7.96
P FMN C . -0.01 -8.45 -9.51
O1P FMN C . 0.97 -9.06 -10.46
O2P FMN C . -1.32 -9.18 -9.68
O3P FMN C . -0.13 -6.97 -9.76
N1 EPE D . 24.39 -11.72 -9.24
C2 EPE D . 24.84 -10.98 -10.43
C3 EPE D . 25.59 -9.70 -10.09
N4 EPE D . 24.86 -8.89 -9.13
C5 EPE D . 23.60 -9.39 -8.61
C6 EPE D . 23.70 -10.87 -8.22
C7 EPE D . 25.38 -7.60 -8.74
C8 EPE D . 24.26 -6.58 -8.56
O8 EPE D . 24.84 -5.31 -8.41
C9 EPE D . 23.50 -12.83 -9.60
C10 EPE D . 24.16 -13.85 -10.51
S EPE D . 23.66 -15.56 -10.13
O1S EPE D . 24.82 -16.41 -10.20
O2S EPE D . 23.14 -15.54 -8.75
O3S EPE D . 22.61 -16.08 -10.98
N1 FMN E . -0.82 14.73 5.29
C2 FMN E . -0.58 15.28 6.53
O2 FMN E . -0.99 14.74 7.55
N3 FMN E . 0.12 16.46 6.64
C4 FMN E . 0.57 17.09 5.50
O4 FMN E . 1.20 18.15 5.59
C4A FMN E . 0.34 16.53 4.26
N5 FMN E . 0.80 17.17 3.11
C5A FMN E . 0.54 16.62 1.88
C6 FMN E . 0.99 17.26 0.72
C7 FMN E . 0.73 16.71 -0.52
C7M FMN E . 1.21 17.38 -1.76
C8 FMN E . 0.01 15.51 -0.62
C8M FMN E . -0.26 14.89 -1.95
C9 FMN E . -0.44 14.88 0.53
C9A FMN E . -0.17 15.42 1.77
N10 FMN E . -0.62 14.78 2.92
C10 FMN E . -0.37 15.33 4.15
C1' FMN E . -1.40 13.48 2.83
C2' FMN E . -2.90 13.75 2.69
O2' FMN E . -3.37 14.40 3.85
C3' FMN E . -3.65 12.44 2.52
O3' FMN E . -3.39 11.73 3.71
C4' FMN E . -3.20 11.63 1.30
O4' FMN E . -2.95 12.45 0.18
C5' FMN E . -4.21 10.57 0.91
O5' FMN E . -5.40 11.20 0.46
P FMN E . -5.72 11.39 -1.10
O1P FMN E . -4.62 12.27 -1.70
O2P FMN E . -5.77 10.04 -1.73
O3P FMN E . -7.07 12.09 -1.27
C1 GOL F . 12.49 5.76 6.86
O1 GOL F . 12.33 5.11 8.10
C2 GOL F . 11.68 7.04 6.88
O2 GOL F . 12.58 8.13 6.85
C3 GOL F . 10.78 7.07 5.66
O3 GOL F . 11.58 7.02 4.51
#